data_5OFI
#
_entry.id   5OFI
#
_cell.length_a   48.564
_cell.length_b   134.331
_cell.length_c   153.045
_cell.angle_alpha   90.00
_cell.angle_beta   90.00
_cell.angle_gamma   90.00
#
_symmetry.space_group_name_H-M   'P 21 21 21'
#
loop_
_entity.id
_entity.type
_entity.pdbx_description
1 polymer PIIA
2 non-polymer 'CALCIUM ION'
3 non-polymer '5-[2-[(2~{S},3~{R},4~{S},5~{R},6~{R})-6-(hydroxymethyl)-3,4,5-tris(oxidanyl)oxan-2-yl]oxyethylcarbamothioylamino]-2-(6-oxidanyl-3-oxidanylidene-4,9-dihydroxanthen-9-yl)benzoic acid'
4 water water
#
_entity_poly.entity_id   1
_entity_poly.type   'polypeptide(L)'
_entity_poly.pdbx_seq_one_letter_code
;MSDWSGSVPANAENGKSTGLILKQGDTISVVAHGWVKYGRDNVEWAAPDGPVPNNPQPSSIATLVAKIANKKFAIGNGVL
HKTVPVDGELILLFNDVPGTFGDNSGEFQVEVIIESRYSPLK
;
_entity_poly.pdbx_strand_id   C,A,B,D,E,F,G,H
#
# COMPACT_ATOMS: atom_id res chain seq x y z
N SER A 2 -11.54 5.68 -7.39
CA SER A 2 -10.49 6.68 -7.53
C SER A 2 -11.07 8.09 -7.44
N ASP A 3 -10.20 9.06 -7.17
CA ASP A 3 -10.65 10.45 -7.17
C ASP A 3 -11.20 10.85 -8.53
N TRP A 4 -10.58 10.36 -9.60
CA TRP A 4 -11.11 10.51 -10.95
C TRP A 4 -10.66 9.32 -11.79
N SER A 5 -11.57 8.84 -12.63
CA SER A 5 -11.22 7.88 -13.67
C SER A 5 -12.08 8.17 -14.88
N GLY A 6 -11.50 7.95 -16.07
CA GLY A 6 -12.22 8.22 -17.30
C GLY A 6 -11.30 8.07 -18.50
N SER A 7 -11.76 8.62 -19.62
CA SER A 7 -11.08 8.45 -20.90
C SER A 7 -10.38 9.73 -21.31
N VAL A 8 -9.22 9.59 -21.94
CA VAL A 8 -8.47 10.69 -22.50
C VAL A 8 -8.42 10.50 -24.01
N PRO A 9 -9.28 11.17 -24.78
CA PRO A 9 -9.26 10.98 -26.24
C PRO A 9 -7.98 11.53 -26.84
N ALA A 10 -7.41 10.76 -27.77
CA ALA A 10 -6.19 11.19 -28.45
C ALA A 10 -6.44 12.37 -29.37
N ASN A 11 -7.67 12.57 -29.84
CA ASN A 11 -8.01 13.64 -30.76
C ASN A 11 -8.41 14.93 -30.05
N ALA A 12 -8.36 14.98 -28.72
CA ALA A 12 -8.76 16.17 -27.96
C ALA A 12 -7.54 17.06 -27.79
N GLU A 13 -7.44 18.11 -28.62
CA GLU A 13 -6.28 18.98 -28.59
C GLU A 13 -6.15 19.71 -27.26
N ASN A 14 -7.26 19.94 -26.56
CA ASN A 14 -7.24 20.59 -25.26
C ASN A 14 -7.34 19.59 -24.11
N GLY A 15 -7.19 18.29 -24.40
CA GLY A 15 -7.13 17.28 -23.37
C GLY A 15 -8.47 17.07 -22.69
N LYS A 16 -8.41 16.43 -21.52
CA LYS A 16 -9.60 16.09 -20.75
C LYS A 16 -9.47 16.71 -19.36
N SER A 17 -10.44 17.56 -19.00
CA SER A 17 -10.48 18.18 -17.69
C SER A 17 -11.02 17.18 -16.67
N THR A 18 -10.27 16.98 -15.58
CA THR A 18 -10.67 16.03 -14.55
C THR A 18 -11.51 16.65 -13.45
N GLY A 19 -11.54 17.98 -13.35
CA GLY A 19 -12.22 18.62 -12.25
C GLY A 19 -11.52 18.52 -10.92
N LEU A 20 -10.38 17.83 -10.85
CA LEU A 20 -9.56 17.79 -9.65
C LEU A 20 -8.75 19.09 -9.57
N ILE A 21 -8.99 19.88 -8.53
CA ILE A 21 -8.29 21.13 -8.33
C ILE A 21 -7.12 20.84 -7.40
N LEU A 22 -5.94 20.73 -7.98
CA LEU A 22 -4.74 20.42 -7.21
C LEU A 22 -4.14 21.69 -6.62
N LYS A 23 -3.46 21.50 -5.49
CA LYS A 23 -2.71 22.56 -4.84
C LYS A 23 -1.26 22.13 -4.70
N GLN A 24 -0.36 23.12 -4.75
CA GLN A 24 1.05 22.85 -4.55
C GLN A 24 1.27 22.10 -3.24
N GLY A 25 1.97 20.97 -3.33
CA GLY A 25 2.23 20.13 -2.17
C GLY A 25 1.33 18.92 -2.07
N ASP A 26 0.21 18.89 -2.79
CA ASP A 26 -0.55 17.66 -2.91
C ASP A 26 0.34 16.59 -3.56
N THR A 27 0.00 15.33 -3.31
CA THR A 27 0.64 14.23 -4.00
C THR A 27 -0.44 13.42 -4.72
N ILE A 28 -0.07 12.87 -5.89
CA ILE A 28 -1.01 12.16 -6.74
C ILE A 28 -0.37 10.90 -7.31
N SER A 29 -1.23 9.95 -7.68
CA SER A 29 -0.85 8.77 -8.44
C SER A 29 -1.73 8.67 -9.67
N VAL A 30 -1.15 8.24 -10.78
CA VAL A 30 -1.89 8.05 -12.02
C VAL A 30 -1.46 6.73 -12.65
N VAL A 31 -2.40 6.02 -13.26
CA VAL A 31 -2.08 4.92 -14.18
C VAL A 31 -2.97 5.07 -15.39
N ALA A 32 -2.42 4.77 -16.57
CA ALA A 32 -3.10 4.92 -17.84
C ALA A 32 -2.97 3.63 -18.63
N HIS A 33 -4.09 3.13 -19.13
CA HIS A 33 -4.12 1.91 -19.93
C HIS A 33 -4.60 2.21 -21.34
N GLY A 34 -4.22 1.35 -22.26
CA GLY A 34 -4.84 1.29 -23.58
C GLY A 34 -3.93 1.80 -24.69
N TRP A 35 -4.54 1.98 -25.85
CA TRP A 35 -3.84 2.28 -27.09
C TRP A 35 -4.62 3.34 -27.87
N VAL A 36 -3.87 4.21 -28.55
CA VAL A 36 -4.45 5.23 -29.43
C VAL A 36 -3.61 5.29 -30.70
N LYS A 37 -4.16 5.97 -31.70
CA LYS A 37 -3.44 6.30 -32.92
C LYS A 37 -3.16 7.79 -32.93
N TYR A 38 -1.90 8.15 -33.18
CA TYR A 38 -1.55 9.54 -33.44
C TYR A 38 -1.46 9.82 -34.93
N GLY A 39 -1.84 8.85 -35.76
CA GLY A 39 -1.94 9.05 -37.19
C GLY A 39 -2.63 7.85 -37.81
N ARG A 40 -2.91 7.94 -39.10
CA ARG A 40 -3.69 6.90 -39.77
C ARG A 40 -2.85 5.75 -40.32
N ASP A 41 -1.52 5.84 -40.27
CA ASP A 41 -0.69 4.75 -40.75
C ASP A 41 -0.62 3.63 -39.71
N ASN A 42 -0.42 2.41 -40.21
CA ASN A 42 -0.48 1.22 -39.36
C ASN A 42 0.51 1.25 -38.21
N VAL A 43 1.59 2.03 -38.32
CA VAL A 43 2.62 2.04 -37.28
C VAL A 43 2.42 3.12 -36.24
N GLU A 44 1.50 4.06 -36.46
CA GLU A 44 1.38 5.24 -35.61
C GLU A 44 0.46 4.97 -34.42
N TRP A 45 0.83 3.93 -33.68
CA TRP A 45 0.23 3.61 -32.40
C TRP A 45 1.04 4.22 -31.27
N ALA A 46 0.36 4.55 -30.18
CA ALA A 46 1.05 5.02 -28.99
C ALA A 46 0.39 4.45 -27.75
N ALA A 47 1.22 4.01 -26.81
CA ALA A 47 0.81 3.78 -25.44
C ALA A 47 0.93 5.09 -24.69
N PRO A 48 0.46 5.16 -23.44
CA PRO A 48 0.63 6.40 -22.68
C PRO A 48 2.10 6.83 -22.60
N ASP A 49 3.02 5.88 -22.48
CA ASP A 49 4.44 6.20 -22.50
C ASP A 49 4.90 6.81 -23.83
N GLY A 50 4.09 6.71 -24.88
CA GLY A 50 4.46 7.29 -26.15
C GLY A 50 4.38 6.34 -27.33
N PRO A 51 4.84 6.81 -28.49
CA PRO A 51 4.78 5.99 -29.70
C PRO A 51 5.58 4.70 -29.56
N VAL A 52 5.16 3.69 -30.30
CA VAL A 52 5.97 2.47 -30.41
C VAL A 52 7.35 2.86 -30.92
N PRO A 53 8.45 2.34 -30.36
CA PRO A 53 9.78 2.89 -30.69
C PRO A 53 10.28 2.60 -32.09
N ASN A 54 9.57 1.85 -32.94
CA ASN A 54 10.03 1.71 -34.31
C ASN A 54 9.63 2.88 -35.20
N ASN A 55 8.85 3.82 -34.67
CA ASN A 55 8.53 5.07 -35.39
C ASN A 55 8.58 6.21 -34.39
N PRO A 56 9.74 6.47 -33.80
CA PRO A 56 9.81 7.43 -32.69
C PRO A 56 9.51 8.84 -33.15
N GLN A 57 8.90 9.60 -32.26
CA GLN A 57 8.58 11.00 -32.45
C GLN A 57 9.42 11.85 -31.52
N PRO A 58 9.43 13.16 -31.73
CA PRO A 58 10.24 14.04 -30.86
C PRO A 58 9.84 13.90 -29.40
N SER A 59 10.77 14.26 -28.52
CA SER A 59 10.63 14.04 -27.08
C SER A 59 9.29 14.56 -26.57
N SER A 60 8.60 13.70 -25.81
CA SER A 60 7.33 14.01 -25.15
C SER A 60 6.14 14.02 -26.11
N ILE A 61 6.40 14.00 -27.42
CA ILE A 61 5.30 14.03 -28.38
C ILE A 61 4.54 12.71 -28.35
N ALA A 62 3.21 12.81 -28.36
CA ALA A 62 2.33 11.65 -28.40
C ALA A 62 2.49 10.78 -27.16
N THR A 63 2.73 11.43 -26.02
CA THR A 63 2.70 10.80 -24.71
C THR A 63 1.53 11.37 -23.91
N LEU A 64 1.15 10.65 -22.87
CA LEU A 64 0.19 11.17 -21.91
C LEU A 64 0.93 12.11 -20.95
N VAL A 65 0.47 13.36 -20.89
CA VAL A 65 1.05 14.35 -20.00
C VAL A 65 -0.06 14.91 -19.12
N ALA A 66 0.35 15.60 -18.07
CA ALA A 66 -0.57 16.34 -17.21
C ALA A 66 -0.33 17.84 -17.42
N LYS A 67 -1.40 18.60 -17.60
CA LYS A 67 -1.32 20.05 -17.64
C LYS A 67 -1.90 20.60 -16.34
N ILE A 68 -1.08 21.35 -15.60
CA ILE A 68 -1.50 22.06 -14.41
C ILE A 68 -0.94 23.47 -14.48
N ALA A 69 -1.79 24.47 -14.26
CA ALA A 69 -1.36 25.86 -14.32
C ALA A 69 -0.66 26.14 -15.65
N ASN A 70 -1.21 25.56 -16.72
CA ASN A 70 -0.63 25.69 -18.04
C ASN A 70 0.88 25.44 -18.01
N LYS A 71 1.29 24.45 -17.22
CA LYS A 71 2.60 23.82 -17.34
C LYS A 71 2.37 22.34 -17.61
N LYS A 72 3.41 21.65 -18.08
CA LYS A 72 3.27 20.29 -18.59
C LYS A 72 4.20 19.35 -17.83
N PHE A 73 3.65 18.22 -17.38
CA PHE A 73 4.39 17.22 -16.63
C PHE A 73 4.21 15.86 -17.27
N ALA A 74 5.30 15.11 -17.36
CA ALA A 74 5.24 13.76 -17.91
C ALA A 74 4.46 12.84 -16.99
N ILE A 75 3.60 12.01 -17.57
CA ILE A 75 2.83 11.02 -16.83
C ILE A 75 3.09 9.66 -17.45
N GLY A 76 2.82 9.54 -18.75
CA GLY A 76 3.05 8.27 -19.44
C GLY A 76 2.13 7.20 -18.90
N ASN A 77 2.67 5.99 -18.77
CA ASN A 77 1.88 4.88 -18.25
C ASN A 77 1.46 5.11 -16.81
N GLY A 78 2.12 5.99 -16.09
CA GLY A 78 1.65 6.40 -14.78
C GLY A 78 2.78 6.87 -13.88
N VAL A 79 2.38 7.37 -12.71
CA VAL A 79 3.30 7.86 -11.70
C VAL A 79 2.72 7.51 -10.33
N LEU A 80 3.60 7.35 -9.34
CA LEU A 80 3.19 7.00 -7.99
C LEU A 80 3.63 8.08 -7.00
N HIS A 81 2.67 8.60 -6.24
CA HIS A 81 2.94 9.47 -5.10
C HIS A 81 3.88 10.62 -5.48
N LYS A 82 3.50 11.36 -6.51
CA LYS A 82 4.28 12.48 -7.00
C LYS A 82 3.75 13.79 -6.44
N THR A 83 4.66 14.67 -6.02
CA THR A 83 4.28 15.95 -5.44
C THR A 83 3.94 16.94 -6.55
N VAL A 84 2.81 17.63 -6.39
CA VAL A 84 2.35 18.62 -7.35
C VAL A 84 3.07 19.94 -7.06
N PRO A 85 3.82 20.51 -8.01
CA PRO A 85 4.58 21.74 -7.72
C PRO A 85 3.84 23.05 -7.97
N VAL A 86 2.62 23.03 -8.52
CA VAL A 86 1.88 24.25 -8.82
C VAL A 86 0.40 24.04 -8.52
N ASP A 87 -0.33 25.15 -8.42
CA ASP A 87 -1.78 25.13 -8.22
C ASP A 87 -2.47 25.10 -9.57
N GLY A 88 -3.46 24.23 -9.71
CA GLY A 88 -4.34 24.30 -10.86
C GLY A 88 -5.18 23.06 -10.99
N GLU A 89 -6.14 23.13 -11.91
CA GLU A 89 -6.93 21.97 -12.24
C GLU A 89 -6.09 20.98 -13.03
N LEU A 90 -6.25 19.69 -12.73
CA LEU A 90 -5.55 18.66 -13.47
C LEU A 90 -6.22 18.45 -14.81
N ILE A 91 -5.46 18.70 -15.88
CA ILE A 91 -5.90 18.44 -17.25
C ILE A 91 -5.02 17.33 -17.81
N LEU A 92 -5.64 16.27 -18.30
CA LEU A 92 -4.92 15.14 -18.90
C LEU A 92 -4.94 15.29 -20.41
N LEU A 93 -3.78 15.17 -21.04
CA LEU A 93 -3.63 15.51 -22.44
C LEU A 93 -2.76 14.50 -23.17
N PHE A 94 -3.24 14.04 -24.33
CA PHE A 94 -2.40 13.35 -25.30
C PHE A 94 -1.57 14.41 -26.01
N ASN A 95 -0.27 14.43 -25.74
CA ASN A 95 0.59 15.56 -26.11
C ASN A 95 1.09 15.44 -27.55
N ASP A 96 0.14 15.46 -28.48
CA ASP A 96 0.51 15.47 -29.89
C ASP A 96 0.97 16.85 -30.31
N VAL A 97 1.67 16.91 -31.44
CA VAL A 97 2.10 18.21 -31.97
C VAL A 97 0.88 19.09 -32.20
N PRO A 98 0.84 20.33 -31.71
CA PRO A 98 -0.34 21.17 -31.94
C PRO A 98 -0.70 21.21 -33.42
N GLY A 99 -2.00 21.14 -33.70
CA GLY A 99 -2.50 21.17 -35.05
C GLY A 99 -2.60 19.82 -35.74
N THR A 100 -2.05 18.75 -35.14
CA THR A 100 -2.02 17.44 -35.78
C THR A 100 -2.88 16.43 -35.04
N PHE A 101 -3.92 16.90 -34.34
CA PHE A 101 -4.84 16.01 -33.63
C PHE A 101 -5.91 15.43 -34.54
N GLY A 102 -6.05 15.95 -35.76
CA GLY A 102 -7.16 15.57 -36.63
C GLY A 102 -7.07 14.15 -37.15
N ASP A 103 -5.89 13.54 -37.15
CA ASP A 103 -5.75 12.16 -37.61
C ASP A 103 -5.59 11.18 -36.46
N ASN A 104 -5.89 11.60 -35.24
CA ASN A 104 -5.81 10.74 -34.06
C ASN A 104 -7.15 10.06 -33.81
N SER A 105 -7.09 8.93 -33.09
CA SER A 105 -8.32 8.25 -32.68
C SER A 105 -8.00 7.35 -31.50
N GLY A 106 -9.07 6.86 -30.86
CA GLY A 106 -8.95 6.05 -29.66
C GLY A 106 -8.80 6.90 -28.42
N GLU A 107 -8.61 6.23 -27.30
CA GLU A 107 -8.52 6.90 -26.02
C GLU A 107 -7.84 6.00 -25.00
N PHE A 108 -7.13 6.63 -24.07
CA PHE A 108 -6.59 5.93 -22.92
C PHE A 108 -7.63 5.88 -21.81
N GLN A 109 -7.54 4.83 -21.00
CA GLN A 109 -8.31 4.72 -19.77
C GLN A 109 -7.37 5.06 -18.62
N VAL A 110 -7.69 6.13 -17.89
CA VAL A 110 -6.78 6.69 -16.90
C VAL A 110 -7.47 6.72 -15.55
N GLU A 111 -6.72 6.42 -14.50
CA GLU A 111 -7.17 6.55 -13.12
C GLU A 111 -6.26 7.52 -12.41
N VAL A 112 -6.84 8.40 -11.59
CA VAL A 112 -6.09 9.39 -10.83
C VAL A 112 -6.53 9.30 -9.38
N ILE A 113 -5.56 9.31 -8.47
CA ILE A 113 -5.83 9.34 -7.04
C ILE A 113 -5.04 10.50 -6.45
N ILE A 114 -5.74 11.36 -5.71
CA ILE A 114 -5.06 12.35 -4.88
C ILE A 114 -4.63 11.64 -3.61
N GLU A 115 -3.33 11.36 -3.50
CA GLU A 115 -2.84 10.57 -2.39
C GLU A 115 -2.84 11.35 -1.08
N SER A 116 -2.72 12.66 -1.15
CA SER A 116 -2.77 13.50 0.04
C SER A 116 -2.91 14.95 -0.38
N ARG A 117 -3.51 15.74 0.50
CA ARG A 117 -3.62 17.18 0.33
C ARG A 117 -2.56 17.87 1.19
N TYR A 118 -1.96 18.93 0.65
CA TYR A 118 -0.82 19.54 1.31
C TYR A 118 -1.18 19.96 2.74
N SER A 119 -0.41 19.48 3.69
CA SER A 119 -0.48 19.88 5.09
C SER A 119 0.88 19.63 5.71
N PRO A 120 1.63 20.66 6.09
CA PRO A 120 2.97 20.43 6.62
C PRO A 120 2.97 20.12 8.11
N LEU A 121 4.00 19.42 8.54
CA LEU A 121 4.33 19.41 9.96
C LEU A 121 4.57 20.84 10.40
N LYS A 122 4.05 21.18 11.58
CA LYS A 122 4.17 22.55 12.09
C LYS A 122 4.26 22.57 13.60
N SER B 2 -19.29 -2.38 -22.79
CA SER B 2 -20.68 -2.02 -23.02
C SER B 2 -20.78 -0.67 -23.71
N ASP B 3 -22.01 -0.22 -23.95
CA ASP B 3 -22.20 1.11 -24.52
C ASP B 3 -21.87 2.20 -23.51
N TRP B 4 -22.30 2.03 -22.26
CA TRP B 4 -21.92 2.94 -21.19
C TRP B 4 -21.93 2.19 -19.88
N SER B 5 -20.90 2.41 -19.07
CA SER B 5 -20.83 1.88 -17.71
C SER B 5 -20.23 2.94 -16.82
N GLY B 6 -20.90 3.21 -15.70
CA GLY B 6 -20.36 4.16 -14.75
C GLY B 6 -21.13 4.12 -13.45
N SER B 7 -20.90 5.14 -12.62
CA SER B 7 -21.56 5.28 -11.34
C SER B 7 -22.59 6.39 -11.41
N VAL B 8 -23.74 6.16 -10.77
CA VAL B 8 -24.79 7.16 -10.68
C VAL B 8 -24.82 7.67 -9.24
N PRO B 9 -24.32 8.87 -8.96
CA PRO B 9 -24.29 9.35 -7.57
C PRO B 9 -25.70 9.63 -7.07
N ALA B 10 -26.00 9.16 -5.86
CA ALA B 10 -27.31 9.43 -5.27
C ALA B 10 -27.53 10.91 -5.02
N ASN B 11 -26.45 11.67 -4.78
CA ASN B 11 -26.57 13.08 -4.43
C ASN B 11 -26.55 14.00 -5.64
N ALA B 12 -26.57 13.47 -6.85
CA ALA B 12 -26.56 14.28 -8.07
C ALA B 12 -28.00 14.61 -8.44
N GLU B 13 -28.44 15.84 -8.11
CA GLU B 13 -29.83 16.21 -8.35
C GLU B 13 -30.16 16.24 -9.83
N ASN B 14 -29.17 16.45 -10.70
CA ASN B 14 -29.37 16.42 -12.14
C ASN B 14 -28.94 15.10 -12.77
N GLY B 15 -28.62 14.09 -11.96
CA GLY B 15 -28.31 12.77 -12.49
C GLY B 15 -26.95 12.69 -13.15
N LYS B 16 -26.76 11.63 -13.92
CA LYS B 16 -25.50 11.33 -14.59
C LYS B 16 -25.76 11.19 -16.08
N SER B 17 -25.14 12.05 -16.87
CA SER B 17 -25.27 12.00 -18.33
C SER B 17 -24.40 10.88 -18.87
N THR B 18 -24.98 10.07 -19.75
CA THR B 18 -24.26 8.94 -20.34
C THR B 18 -23.70 9.24 -21.72
N GLY B 19 -24.15 10.31 -22.37
CA GLY B 19 -23.71 10.63 -23.71
C GLY B 19 -24.36 9.80 -24.79
N LEU B 20 -25.16 8.81 -24.43
CA LEU B 20 -25.87 7.99 -25.42
C LEU B 20 -27.07 8.76 -25.93
N ILE B 21 -27.09 9.05 -27.23
CA ILE B 21 -28.16 9.81 -27.85
C ILE B 21 -29.17 8.81 -28.41
N LEU B 22 -30.33 8.73 -27.78
CA LEU B 22 -31.33 7.74 -28.12
C LEU B 22 -32.38 8.33 -29.07
N LYS B 23 -32.88 7.47 -29.96
CA LYS B 23 -33.96 7.83 -30.88
C LYS B 23 -35.15 6.93 -30.62
N GLN B 24 -36.34 7.44 -30.93
CA GLN B 24 -37.55 6.63 -30.81
C GLN B 24 -37.42 5.35 -31.62
N GLY B 25 -37.69 4.23 -30.98
CA GLY B 25 -37.55 2.93 -31.62
C GLY B 25 -36.26 2.20 -31.31
N ASP B 26 -35.26 2.87 -30.76
CA ASP B 26 -34.12 2.15 -30.22
C ASP B 26 -34.59 1.25 -29.08
N THR B 27 -33.80 0.21 -28.80
CA THR B 27 -34.04 -0.63 -27.63
C THR B 27 -32.78 -0.66 -26.77
N ILE B 28 -32.97 -0.69 -25.46
CA ILE B 28 -31.85 -0.66 -24.51
C ILE B 28 -32.07 -1.70 -23.43
N SER B 29 -30.97 -2.08 -22.79
CA SER B 29 -30.99 -2.88 -21.58
C SER B 29 -30.14 -2.19 -20.52
N VAL B 30 -30.55 -2.32 -19.27
CA VAL B 30 -29.87 -1.69 -18.15
C VAL B 30 -29.86 -2.66 -16.96
N VAL B 31 -28.74 -2.69 -16.26
CA VAL B 31 -28.66 -3.33 -14.94
C VAL B 31 -27.96 -2.37 -14.00
N ALA B 32 -28.42 -2.36 -12.74
CA ALA B 32 -27.89 -1.44 -11.74
C ALA B 32 -27.65 -2.19 -10.44
N HIS B 33 -26.45 -2.00 -9.89
CA HIS B 33 -26.03 -2.67 -8.67
C HIS B 33 -25.72 -1.64 -7.58
N GLY B 34 -25.79 -2.08 -6.34
CA GLY B 34 -25.25 -1.33 -5.22
C GLY B 34 -26.31 -0.73 -4.33
N TRP B 35 -25.85 0.15 -3.45
CA TRP B 35 -26.66 0.69 -2.36
C TRP B 35 -26.31 2.16 -2.15
N VAL B 36 -27.34 2.97 -1.90
CA VAL B 36 -27.17 4.38 -1.59
C VAL B 36 -27.99 4.72 -0.37
N LYS B 37 -27.62 5.81 0.28
CA LYS B 37 -28.43 6.43 1.31
C LYS B 37 -29.15 7.62 0.72
N TYR B 38 -30.48 7.66 0.90
CA TYR B 38 -31.26 8.83 0.56
C TYR B 38 -31.51 9.72 1.76
N GLY B 39 -30.84 9.45 2.87
CA GLY B 39 -30.97 10.23 4.10
C GLY B 39 -29.97 9.75 5.11
N ARG B 40 -29.92 10.46 6.24
CA ARG B 40 -28.89 10.21 7.24
C ARG B 40 -29.31 9.18 8.29
N ASP B 41 -30.56 8.75 8.31
CA ASP B 41 -31.00 7.76 9.28
C ASP B 41 -30.56 6.36 8.84
N ASN B 42 -30.30 5.50 9.83
CA ASN B 42 -29.81 4.17 9.57
C ASN B 42 -30.74 3.38 8.66
N VAL B 43 -32.01 3.77 8.54
CA VAL B 43 -32.97 3.03 7.75
C VAL B 43 -33.08 3.51 6.31
N GLU B 44 -32.50 4.67 5.98
CA GLU B 44 -32.76 5.31 4.70
C GLU B 44 -31.75 4.85 3.64
N TRP B 45 -31.82 3.54 3.36
CA TRP B 45 -31.06 2.91 2.31
C TRP B 45 -31.97 2.63 1.12
N ALA B 46 -31.39 2.69 -0.08
CA ALA B 46 -32.12 2.31 -1.28
C ALA B 46 -31.27 1.45 -2.18
N ALA B 47 -31.89 0.43 -2.75
CA ALA B 47 -31.40 -0.23 -3.95
C ALA B 47 -31.93 0.51 -5.17
N PRO B 48 -31.42 0.19 -6.36
CA PRO B 48 -31.98 0.84 -7.56
C PRO B 48 -33.50 0.72 -7.64
N ASP B 49 -34.05 -0.40 -7.19
CA ASP B 49 -35.51 -0.57 -7.16
C ASP B 49 -36.19 0.35 -6.15
N GLY B 50 -35.45 0.91 -5.19
CA GLY B 50 -36.00 1.89 -4.31
C GLY B 50 -35.66 1.71 -2.84
N PRO B 51 -36.30 2.51 -1.98
CA PRO B 51 -36.04 2.40 -0.53
C PRO B 51 -36.34 1.00 -0.01
N VAL B 52 -35.62 0.62 1.04
CA VAL B 52 -35.94 -0.64 1.73
C VAL B 52 -37.36 -0.54 2.27
N PRO B 53 -38.21 -1.55 2.07
CA PRO B 53 -39.65 -1.38 2.34
C PRO B 53 -40.03 -1.17 3.80
N ASN B 54 -39.10 -1.25 4.76
CA ASN B 54 -39.47 -0.93 6.13
C ASN B 54 -39.55 0.57 6.39
N ASN B 55 -39.23 1.40 5.40
CA ASN B 55 -39.38 2.85 5.49
C ASN B 55 -39.84 3.36 4.13
N PRO B 56 -41.04 2.99 3.71
CA PRO B 56 -41.46 3.29 2.32
C PRO B 56 -41.59 4.78 2.08
N GLN B 57 -41.24 5.18 0.87
CA GLN B 57 -41.35 6.54 0.40
C GLN B 57 -42.42 6.64 -0.68
N PRO B 58 -42.83 7.84 -1.06
CA PRO B 58 -43.85 7.99 -2.09
C PRO B 58 -43.43 7.34 -3.40
N SER B 59 -44.45 7.01 -4.21
CA SER B 59 -44.25 6.26 -5.45
C SER B 59 -43.16 6.87 -6.30
N SER B 60 -42.22 6.03 -6.75
CA SER B 60 -41.12 6.34 -7.66
C SER B 60 -39.99 7.09 -6.97
N ILE B 61 -40.15 7.53 -5.72
CA ILE B 61 -39.13 8.35 -5.07
C ILE B 61 -37.95 7.47 -4.67
N ALA B 62 -36.75 7.99 -4.90
CA ALA B 62 -35.52 7.33 -4.45
C ALA B 62 -35.34 5.99 -5.17
N THR B 63 -35.75 5.95 -6.44
CA THR B 63 -35.50 4.83 -7.33
C THR B 63 -34.63 5.32 -8.47
N LEU B 64 -33.91 4.39 -9.09
CA LEU B 64 -33.15 4.71 -10.29
C LEU B 64 -34.12 4.84 -11.47
N VAL B 65 -34.12 6.00 -12.11
CA VAL B 65 -34.94 6.24 -13.28
C VAL B 65 -34.05 6.70 -14.42
N ALA B 66 -34.59 6.59 -15.63
CA ALA B 66 -33.96 7.17 -16.81
C ALA B 66 -34.70 8.44 -17.18
N LYS B 67 -33.95 9.50 -17.46
CA LYS B 67 -34.50 10.73 -18.00
C LYS B 67 -34.12 10.81 -19.47
N ILE B 68 -35.14 10.95 -20.33
CA ILE B 68 -34.95 11.13 -21.77
C ILE B 68 -35.95 12.20 -22.20
N ALA B 69 -35.45 13.27 -22.80
CA ALA B 69 -36.31 14.38 -23.21
C ALA B 69 -37.12 14.89 -22.02
N ASN B 70 -36.44 15.05 -20.89
CA ASN B 70 -37.05 15.31 -19.59
C ASN B 70 -38.40 14.60 -19.45
N LYS B 71 -38.44 13.33 -19.84
CA LYS B 71 -39.47 12.41 -19.40
C LYS B 71 -38.78 11.31 -18.60
N LYS B 72 -39.44 10.84 -17.54
CA LYS B 72 -38.84 9.86 -16.65
C LYS B 72 -39.43 8.48 -16.92
N PHE B 73 -38.57 7.47 -16.89
CA PHE B 73 -38.96 6.09 -17.11
C PHE B 73 -38.37 5.22 -16.01
N ALA B 74 -39.13 4.23 -15.56
CA ALA B 74 -38.65 3.32 -14.54
C ALA B 74 -37.53 2.45 -15.09
N ILE B 75 -36.48 2.29 -14.28
CA ILE B 75 -35.38 1.38 -14.57
C ILE B 75 -35.23 0.46 -13.38
N GLY B 76 -35.07 1.04 -12.20
CA GLY B 76 -34.84 0.25 -11.01
C GLY B 76 -33.61 -0.63 -11.17
N ASN B 77 -33.71 -1.86 -10.69
CA ASN B 77 -32.58 -2.78 -10.79
C ASN B 77 -32.20 -3.08 -12.24
N GLY B 78 -33.09 -2.85 -13.19
CA GLY B 78 -32.72 -2.96 -14.59
C GLY B 78 -33.91 -3.26 -15.48
N VAL B 79 -33.64 -3.25 -16.79
CA VAL B 79 -34.62 -3.59 -17.79
C VAL B 79 -33.92 -4.28 -18.96
N LEU B 80 -34.65 -5.16 -19.64
CA LEU B 80 -34.13 -5.92 -20.77
C LEU B 80 -34.86 -5.55 -22.06
N HIS B 81 -34.09 -5.19 -23.07
CA HIS B 81 -34.59 -4.99 -24.44
C HIS B 81 -35.89 -4.19 -24.45
N LYS B 82 -35.84 -2.99 -23.88
CA LYS B 82 -36.99 -2.10 -23.84
C LYS B 82 -36.90 -1.06 -24.94
N THR B 83 -38.04 -0.78 -25.60
CA THR B 83 -38.07 0.18 -26.70
C THR B 83 -38.16 1.60 -26.16
N VAL B 84 -37.36 2.49 -26.73
CA VAL B 84 -37.32 3.89 -26.33
C VAL B 84 -38.42 4.63 -27.08
N PRO B 85 -39.33 5.34 -26.39
CA PRO B 85 -40.42 6.02 -27.09
C PRO B 85 -40.16 7.47 -27.47
N VAL B 86 -38.98 8.02 -27.16
CA VAL B 86 -38.70 9.43 -27.41
C VAL B 86 -37.23 9.60 -27.77
N ASP B 87 -36.94 10.71 -28.44
CA ASP B 87 -35.57 11.09 -28.77
C ASP B 87 -34.95 11.86 -27.62
N GLY B 88 -33.70 11.55 -27.31
CA GLY B 88 -32.96 12.36 -26.37
C GLY B 88 -31.78 11.62 -25.78
N GLU B 89 -30.90 12.39 -25.13
CA GLU B 89 -29.81 11.80 -24.38
C GLU B 89 -30.34 11.05 -23.18
N LEU B 90 -29.74 9.91 -22.90
CA LEU B 90 -30.09 9.13 -21.71
C LEU B 90 -29.39 9.73 -20.49
N ILE B 91 -30.19 10.16 -19.51
CA ILE B 91 -29.68 10.61 -18.22
C ILE B 91 -30.17 9.63 -17.16
N LEU B 92 -29.24 9.14 -16.34
CA LEU B 92 -29.56 8.24 -15.24
C LEU B 92 -29.67 9.06 -13.97
N LEU B 93 -30.77 8.90 -13.23
CA LEU B 93 -31.11 9.77 -12.12
C LEU B 93 -31.60 8.96 -10.93
N PHE B 94 -31.04 9.23 -9.75
CA PHE B 94 -31.62 8.76 -8.50
C PHE B 94 -32.78 9.69 -8.17
N ASN B 95 -34.00 9.20 -8.31
CA ASN B 95 -35.19 10.06 -8.36
C ASN B 95 -35.67 10.46 -6.96
N ASP B 96 -34.81 11.19 -6.26
CA ASP B 96 -35.16 11.70 -4.95
C ASP B 96 -36.08 12.92 -5.08
N VAL B 97 -36.73 13.26 -3.97
CA VAL B 97 -37.59 14.44 -3.96
C VAL B 97 -36.74 15.67 -4.27
N PRO B 98 -37.13 16.52 -5.23
CA PRO B 98 -36.31 17.70 -5.54
C PRO B 98 -35.93 18.47 -4.29
N GLY B 99 -34.66 18.87 -4.22
CA GLY B 99 -34.16 19.65 -3.12
C GLY B 99 -33.68 18.85 -1.92
N THR B 100 -33.90 17.53 -1.89
CA THR B 100 -33.49 16.71 -0.76
C THR B 100 -32.31 15.81 -1.12
N PHE B 101 -31.49 16.22 -2.08
CA PHE B 101 -30.32 15.42 -2.46
C PHE B 101 -29.13 15.64 -1.55
N GLY B 102 -29.15 16.70 -0.73
CA GLY B 102 -28.00 17.06 0.08
C GLY B 102 -27.66 16.08 1.19
N ASP B 103 -28.60 15.24 1.60
CA ASP B 103 -28.33 14.25 2.65
C ASP B 103 -28.16 12.85 2.09
N ASN B 104 -27.98 12.71 0.78
CA ASN B 104 -27.75 11.42 0.15
C ASN B 104 -26.25 11.14 0.04
N SER B 105 -25.91 9.86 -0.07
CA SER B 105 -24.53 9.46 -0.32
C SER B 105 -24.51 8.10 -0.98
N GLY B 106 -23.34 7.73 -1.49
CA GLY B 106 -23.17 6.49 -2.22
C GLY B 106 -23.58 6.64 -3.66
N GLU B 107 -23.40 5.56 -4.41
CA GLU B 107 -23.71 5.56 -5.83
C GLU B 107 -23.97 4.14 -6.31
N PHE B 108 -24.83 4.03 -7.31
CA PHE B 108 -25.07 2.76 -7.98
C PHE B 108 -24.06 2.57 -9.09
N GLN B 109 -23.72 1.30 -9.37
CA GLN B 109 -22.92 0.94 -10.52
C GLN B 109 -23.87 0.43 -11.60
N VAL B 110 -23.90 1.09 -12.75
CA VAL B 110 -24.90 0.85 -13.77
C VAL B 110 -24.22 0.53 -15.10
N GLU B 111 -24.79 -0.42 -15.83
CA GLU B 111 -24.36 -0.77 -17.17
C GLU B 111 -25.53 -0.55 -18.11
N VAL B 112 -25.28 0.13 -19.22
CA VAL B 112 -26.28 0.36 -20.25
C VAL B 112 -25.79 -0.27 -21.55
N ILE B 113 -26.67 -0.98 -22.23
CA ILE B 113 -26.40 -1.51 -23.56
C ILE B 113 -27.50 -1.02 -24.48
N ILE B 114 -27.11 -0.45 -25.61
CA ILE B 114 -28.04 -0.13 -26.68
C ILE B 114 -28.18 -1.40 -27.51
N GLU B 115 -29.31 -2.09 -27.35
CA GLU B 115 -29.48 -3.38 -27.99
C GLU B 115 -29.75 -3.25 -29.49
N SER B 116 -30.30 -2.13 -29.94
CA SER B 116 -30.52 -1.94 -31.36
C SER B 116 -30.85 -0.47 -31.63
N ARG B 117 -30.42 0.01 -32.80
CA ARG B 117 -30.78 1.32 -33.31
C ARG B 117 -31.95 1.17 -34.26
N TYR B 118 -32.93 2.09 -34.15
CA TYR B 118 -34.18 1.93 -34.86
C TYR B 118 -33.95 1.75 -36.36
N SER B 119 -34.55 0.70 -36.90
CA SER B 119 -34.57 0.49 -38.34
C SER B 119 -35.71 -0.47 -38.68
N PRO B 120 -36.77 -0.01 -39.33
CA PRO B 120 -37.92 -0.88 -39.58
C PRO B 120 -37.74 -1.75 -40.82
N LEU B 121 -38.45 -2.87 -40.80
CA LEU B 121 -38.68 -3.60 -42.05
C LEU B 121 -39.37 -2.69 -43.03
N LYS B 122 -38.83 -2.61 -44.24
CA LYS B 122 -39.37 -1.70 -45.25
C LYS B 122 -39.82 -2.47 -46.49
N SER C 2 10.68 4.13 -3.43
CA SER C 2 9.69 3.07 -3.55
C SER C 2 10.12 1.84 -2.75
N ASP C 3 9.22 0.86 -2.66
CA ASP C 3 9.56 -0.39 -2.00
C ASP C 3 10.42 -1.27 -2.89
N TRP C 4 10.14 -1.30 -4.19
CA TRP C 4 11.00 -1.98 -5.15
C TRP C 4 10.92 -1.27 -6.49
N SER C 5 12.08 -1.03 -7.09
CA SER C 5 12.18 -0.56 -8.46
C SER C 5 13.31 -1.31 -9.15
N GLY C 6 13.03 -1.75 -10.38
CA GLY C 6 14.00 -2.47 -11.16
C GLY C 6 13.46 -2.74 -12.53
N SER C 7 14.17 -3.57 -13.29
CA SER C 7 13.76 -3.94 -14.63
C SER C 7 13.23 -5.37 -14.66
N VAL C 8 12.19 -5.59 -15.46
CA VAL C 8 11.60 -6.91 -15.69
C VAL C 8 11.99 -7.35 -17.08
N PRO C 9 12.88 -8.33 -17.24
CA PRO C 9 13.30 -8.76 -18.59
C PRO C 9 12.20 -9.54 -19.30
N ALA C 10 12.00 -9.20 -20.58
CA ALA C 10 11.01 -9.90 -21.40
C ALA C 10 11.37 -11.36 -21.62
N ASN C 11 12.65 -11.71 -21.61
CA ASN C 11 13.07 -13.07 -21.95
C ASN C 11 13.19 -13.98 -20.74
N ALA C 12 12.71 -13.56 -19.57
CA ALA C 12 12.82 -14.35 -18.34
C ALA C 12 11.54 -15.16 -18.17
N GLU C 13 11.62 -16.44 -18.50
CA GLU C 13 10.44 -17.31 -18.44
C GLU C 13 9.90 -17.43 -17.03
N ASN C 14 10.76 -17.26 -16.02
CA ASN C 14 10.33 -17.32 -14.62
C ASN C 14 10.19 -15.94 -13.99
N GLY C 15 10.21 -14.88 -14.79
CA GLY C 15 9.95 -13.56 -14.27
C GLY C 15 11.11 -13.01 -13.44
N LYS C 16 10.82 -11.90 -12.78
CA LYS C 16 11.78 -11.21 -11.94
C LYS C 16 11.28 -11.23 -10.51
N SER C 17 12.01 -11.90 -9.62
CA SER C 17 11.69 -11.89 -8.20
C SER C 17 12.03 -10.54 -7.60
N THR C 18 11.07 -9.95 -6.87
CA THR C 18 11.26 -8.62 -6.32
C THR C 18 11.76 -8.62 -4.88
N GLY C 19 11.64 -9.75 -4.17
CA GLY C 19 11.97 -9.78 -2.76
C GLY C 19 10.94 -9.17 -1.85
N LEU C 20 9.84 -8.66 -2.39
CA LEU C 20 8.72 -8.19 -1.59
C LEU C 20 7.87 -9.39 -1.18
N ILE C 21 7.84 -9.70 0.11
CA ILE C 21 7.05 -10.81 0.62
C ILE C 21 5.68 -10.26 1.00
N LEU C 22 4.67 -10.62 0.23
CA LEU C 22 3.33 -10.09 0.40
C LEU C 22 2.48 -11.06 1.20
N LYS C 23 1.54 -10.51 1.96
CA LYS C 23 0.54 -11.28 2.68
C LYS C 23 -0.84 -10.91 2.14
N GLN C 24 -1.78 -11.84 2.28
CA GLN C 24 -3.16 -11.56 1.95
C GLN C 24 -3.64 -10.37 2.76
N GLY C 25 -4.31 -9.43 2.09
CA GLY C 25 -4.77 -8.21 2.72
C GLY C 25 -3.85 -7.03 2.56
N ASP C 26 -2.57 -7.25 2.22
CA ASP C 26 -1.72 -6.14 1.82
C ASP C 26 -2.32 -5.45 0.60
N THR C 27 -2.01 -4.18 0.44
CA THR C 27 -2.35 -3.47 -0.79
C THR C 27 -1.07 -2.93 -1.42
N ILE C 28 -1.06 -2.88 -2.76
CA ILE C 28 0.12 -2.47 -3.50
C ILE C 28 -0.30 -1.59 -4.67
N SER C 29 0.64 -0.77 -5.12
CA SER C 29 0.53 -0.04 -6.37
C SER C 29 1.74 -0.35 -7.24
N VAL C 30 1.50 -0.41 -8.55
CA VAL C 30 2.55 -0.70 -9.52
C VAL C 30 2.39 0.24 -10.71
N VAL C 31 3.51 0.71 -11.25
CA VAL C 31 3.54 1.35 -12.56
C VAL C 31 4.68 0.76 -13.35
N ALA C 32 4.45 0.54 -14.65
CA ALA C 32 5.39 -0.12 -15.53
C ALA C 32 5.63 0.78 -16.74
N HIS C 33 6.89 1.00 -17.08
CA HIS C 33 7.26 1.87 -18.18
C HIS C 33 8.07 1.11 -19.21
N GLY C 34 7.98 1.56 -20.46
CA GLY C 34 8.89 1.14 -21.49
C GLY C 34 8.31 0.13 -22.45
N TRP C 35 9.22 -0.58 -23.11
CA TRP C 35 8.90 -1.39 -24.28
C TRP C 35 9.79 -2.61 -24.29
N VAL C 36 9.26 -3.71 -24.82
CA VAL C 36 10.01 -4.93 -25.00
C VAL C 36 9.61 -5.55 -26.33
N LYS C 37 10.45 -6.46 -26.80
CA LYS C 37 10.14 -7.31 -27.94
C LYS C 37 9.70 -8.68 -27.45
N TYR C 38 8.57 -9.15 -27.94
CA TYR C 38 8.15 -10.53 -27.73
C TYR C 38 8.45 -11.39 -28.96
N GLY C 39 9.11 -10.82 -29.96
CA GLY C 39 9.59 -11.57 -31.10
C GLY C 39 10.65 -10.73 -31.80
N ARG C 40 11.25 -11.32 -32.83
CA ARG C 40 12.38 -10.67 -33.52
C ARG C 40 11.95 -9.74 -34.63
N ASP C 41 10.73 -9.88 -35.16
CA ASP C 41 10.24 -8.95 -36.16
C ASP C 41 10.09 -7.56 -35.56
N ASN C 42 10.12 -6.54 -36.42
CA ASN C 42 10.01 -5.17 -35.94
C ASN C 42 8.57 -4.77 -35.60
N VAL C 43 7.61 -5.66 -35.80
CA VAL C 43 6.24 -5.40 -35.35
C VAL C 43 5.96 -5.96 -33.97
N GLU C 44 6.78 -6.88 -33.47
CA GLU C 44 6.48 -7.63 -32.26
C GLU C 44 6.95 -6.85 -31.02
N TRP C 45 6.34 -5.68 -30.85
CA TRP C 45 6.58 -4.81 -29.70
C TRP C 45 5.44 -4.95 -28.70
N ALA C 46 5.79 -4.85 -27.41
CA ALA C 46 4.80 -4.84 -26.35
C ALA C 46 5.09 -3.71 -25.37
N ALA C 47 4.04 -3.00 -24.98
CA ALA C 47 4.04 -2.24 -23.75
C ALA C 47 3.66 -3.16 -22.61
N PRO C 48 3.75 -2.70 -21.37
CA PRO C 48 3.29 -3.56 -20.26
C PRO C 48 1.83 -3.98 -20.42
N ASP C 49 0.98 -3.11 -20.96
CA ASP C 49 -0.41 -3.47 -21.23
C ASP C 49 -0.54 -4.57 -22.27
N GLY C 50 0.49 -4.82 -23.08
CA GLY C 50 0.43 -5.88 -24.05
C GLY C 50 0.97 -5.53 -25.42
N PRO C 51 0.82 -6.47 -26.35
CA PRO C 51 1.25 -6.23 -27.73
C PRO C 51 0.55 -5.02 -28.34
N VAL C 52 1.30 -4.28 -29.17
CA VAL C 52 0.73 -3.21 -29.98
C VAL C 52 -0.41 -3.80 -30.80
N PRO C 53 -1.60 -3.16 -30.86
CA PRO C 53 -2.76 -3.82 -31.48
C PRO C 53 -2.72 -3.97 -32.99
N ASN C 54 -1.60 -3.68 -33.66
CA ASN C 54 -1.48 -4.03 -35.07
C ASN C 54 -0.97 -5.45 -35.26
N ASN C 55 -0.70 -6.18 -34.18
CA ASN C 55 -0.30 -7.59 -34.25
C ASN C 55 -0.81 -8.28 -33.00
N PRO C 56 -2.13 -8.41 -32.86
CA PRO C 56 -2.70 -8.85 -31.57
C PRO C 56 -2.38 -10.31 -31.26
N GLN C 57 -2.28 -10.59 -29.96
CA GLN C 57 -2.04 -11.95 -29.47
C GLN C 57 -3.17 -12.34 -28.52
N PRO C 58 -3.22 -13.60 -28.07
CA PRO C 58 -4.31 -14.03 -27.17
C PRO C 58 -4.32 -13.26 -25.86
N SER C 59 -5.48 -13.31 -25.21
CA SER C 59 -5.72 -12.54 -23.99
C SER C 59 -4.66 -12.85 -22.94
N SER C 60 -4.09 -11.79 -22.37
CA SER C 60 -3.08 -11.81 -21.31
C SER C 60 -1.69 -12.14 -21.85
N ILE C 61 -1.56 -12.61 -23.09
CA ILE C 61 -0.25 -12.99 -23.59
C ILE C 61 0.59 -11.75 -23.84
N ALA C 62 1.87 -11.84 -23.49
CA ALA C 62 2.82 -10.76 -23.72
C ALA C 62 2.41 -9.49 -22.98
N THR C 63 1.83 -9.66 -21.79
CA THR C 63 1.54 -8.57 -20.88
C THR C 63 2.34 -8.75 -19.60
N LEU C 64 2.61 -7.64 -18.92
CA LEU C 64 3.18 -7.70 -17.58
C LEU C 64 2.12 -8.22 -16.62
N VAL C 65 2.45 -9.28 -15.89
CA VAL C 65 1.57 -9.82 -14.85
C VAL C 65 2.36 -9.95 -13.56
N ALA C 66 1.62 -10.07 -12.46
CA ALA C 66 2.19 -10.41 -11.17
C ALA C 66 1.96 -11.89 -10.91
N LYS C 67 3.02 -12.59 -10.50
CA LYS C 67 2.90 -13.97 -10.03
C LYS C 67 3.05 -13.96 -8.51
N ILE C 68 2.03 -14.45 -7.82
CA ILE C 68 2.05 -14.61 -6.36
C ILE C 68 1.43 -15.96 -6.05
N ALA C 69 2.14 -16.77 -5.27
CA ALA C 69 1.67 -18.11 -4.92
C ALA C 69 1.35 -18.90 -6.19
N ASN C 70 2.22 -18.75 -7.19
CA ASN C 70 2.02 -19.32 -8.53
C ASN C 70 0.58 -19.13 -9.01
N LYS C 71 0.01 -17.96 -8.73
CA LYS C 71 -1.20 -17.48 -9.36
C LYS C 71 -0.86 -16.20 -10.10
N LYS C 72 -1.49 -15.98 -11.25
CA LYS C 72 -1.17 -14.83 -12.09
C LYS C 72 -2.29 -13.79 -12.00
N PHE C 73 -1.87 -12.53 -11.92
CA PHE C 73 -2.79 -11.40 -11.80
C PHE C 73 -2.41 -10.34 -12.81
N ALA C 74 -3.41 -9.66 -13.36
CA ALA C 74 -3.16 -8.60 -14.32
C ALA C 74 -2.51 -7.40 -13.64
N ILE C 75 -1.51 -6.81 -14.30
CA ILE C 75 -0.89 -5.58 -13.85
C ILE C 75 -0.86 -4.61 -15.02
N GLY C 76 -0.27 -5.02 -16.14
CA GLY C 76 -0.18 -4.17 -17.31
C GLY C 76 0.62 -2.93 -17.02
N ASN C 77 0.15 -1.80 -17.54
CA ASN C 77 0.83 -0.53 -17.34
C ASN C 77 0.87 -0.12 -15.87
N GLY C 78 0.03 -0.71 -15.03
CA GLY C 78 0.06 -0.42 -13.61
C GLY C 78 -1.28 -0.66 -12.95
N VAL C 79 -1.25 -0.64 -11.62
CA VAL C 79 -2.45 -0.73 -10.80
C VAL C 79 -2.25 0.13 -9.58
N LEU C 80 -3.36 0.59 -8.99
CA LEU C 80 -3.32 1.48 -7.84
C LEU C 80 -4.07 0.87 -6.67
N HIS C 81 -3.38 0.71 -5.54
CA HIS C 81 -3.99 0.33 -4.27
C HIS C 81 -4.87 -0.91 -4.42
N LYS C 82 -4.29 -1.96 -4.99
CA LYS C 82 -5.00 -3.23 -5.16
C LYS C 82 -4.69 -4.16 -3.99
N THR C 83 -5.70 -4.93 -3.58
CA THR C 83 -5.57 -5.82 -2.44
C THR C 83 -4.98 -7.15 -2.89
N VAL C 84 -4.01 -7.64 -2.11
CA VAL C 84 -3.32 -8.89 -2.42
C VAL C 84 -4.19 -10.04 -1.92
N PRO C 85 -4.61 -10.97 -2.79
CA PRO C 85 -5.50 -12.04 -2.35
C PRO C 85 -4.82 -13.30 -1.80
N VAL C 86 -3.50 -13.42 -1.85
CA VAL C 86 -2.81 -14.60 -1.34
C VAL C 86 -1.43 -14.21 -0.86
N ASP C 87 -0.85 -15.06 -0.01
CA ASP C 87 0.51 -14.86 0.48
C ASP C 87 1.52 -15.29 -0.57
N GLY C 88 2.63 -14.58 -0.64
CA GLY C 88 3.74 -15.03 -1.45
C GLY C 88 4.61 -13.88 -1.90
N GLU C 89 5.82 -14.22 -2.29
CA GLU C 89 6.72 -13.23 -2.87
C GLU C 89 6.13 -12.72 -4.19
N LEU C 90 6.25 -11.42 -4.41
CA LEU C 90 5.82 -10.83 -5.66
C LEU C 90 6.85 -11.17 -6.76
N ILE C 91 6.40 -11.89 -7.78
CA ILE C 91 7.17 -12.13 -8.99
C ILE C 91 6.53 -11.36 -10.12
N LEU C 92 7.33 -10.56 -10.82
CA LEU C 92 6.86 -9.79 -11.98
C LEU C 92 7.24 -10.54 -13.25
N LEU C 93 6.25 -10.84 -14.08
CA LEU C 93 6.43 -11.72 -15.22
C LEU C 93 5.93 -11.07 -16.51
N PHE C 94 6.76 -11.09 -17.54
CA PHE C 94 6.29 -10.89 -18.91
C PHE C 94 5.65 -12.19 -19.37
N ASN C 95 4.32 -12.16 -19.55
CA ASN C 95 3.52 -13.37 -19.66
C ASN C 95 3.45 -13.88 -21.10
N ASP C 96 4.61 -14.27 -21.62
CA ASP C 96 4.65 -14.78 -22.98
C ASP C 96 4.27 -16.26 -23.01
N VAL C 97 3.98 -16.75 -24.21
CA VAL C 97 3.59 -18.17 -24.35
C VAL C 97 4.72 -19.05 -23.84
N PRO C 98 4.45 -20.03 -22.97
CA PRO C 98 5.53 -20.94 -22.54
C PRO C 98 6.28 -21.54 -23.71
N GLY C 99 7.61 -21.47 -23.64
CA GLY C 99 8.47 -21.95 -24.70
C GLY C 99 8.88 -20.90 -25.72
N THR C 100 8.30 -19.71 -25.71
CA THR C 100 8.58 -18.70 -26.71
C THR C 100 9.36 -17.50 -26.14
N PHE C 101 10.10 -17.68 -25.04
CA PHE C 101 10.83 -16.58 -24.46
C PHE C 101 12.17 -16.32 -25.14
N GLY C 102 12.66 -17.27 -25.94
CA GLY C 102 13.98 -17.14 -26.52
C GLY C 102 14.12 -15.99 -27.52
N ASP C 103 13.04 -15.63 -28.21
CA ASP C 103 13.10 -14.53 -29.16
C ASP C 103 12.70 -13.19 -28.53
N ASN C 104 12.63 -13.11 -27.20
CA ASN C 104 12.29 -11.88 -26.51
C ASN C 104 13.55 -11.08 -26.19
N SER C 105 13.39 -9.77 -26.06
CA SER C 105 14.47 -8.90 -25.63
C SER C 105 13.88 -7.64 -25.01
N GLY C 106 14.74 -6.90 -24.31
CA GLY C 106 14.32 -5.69 -23.64
C GLY C 106 13.78 -5.97 -22.25
N GLU C 107 13.48 -4.88 -21.54
CA GLU C 107 12.99 -4.98 -20.17
C GLU C 107 12.13 -3.75 -19.86
N PHE C 108 11.08 -3.96 -19.08
CA PHE C 108 10.30 -2.86 -18.55
C PHE C 108 10.98 -2.28 -17.33
N GLN C 109 10.78 -0.99 -17.11
CA GLN C 109 11.19 -0.32 -15.87
C GLN C 109 9.96 -0.20 -14.98
N VAL C 110 9.99 -0.87 -13.84
CA VAL C 110 8.80 -1.06 -13.01
C VAL C 110 9.07 -0.53 -11.61
N GLU C 111 8.05 0.08 -11.01
CA GLU C 111 8.07 0.52 -9.62
C GLU C 111 6.92 -0.14 -8.88
N VAL C 112 7.20 -0.62 -7.66
CA VAL C 112 6.18 -1.20 -6.80
C VAL C 112 6.24 -0.47 -5.46
N ILE C 113 5.06 -0.13 -4.95
CA ILE C 113 4.92 0.40 -3.61
C ILE C 113 3.95 -0.49 -2.85
N ILE C 114 4.36 -0.94 -1.66
CA ILE C 114 3.45 -1.61 -0.75
C ILE C 114 2.72 -0.50 0.00
N GLU C 115 1.44 -0.31 -0.35
CA GLU C 115 0.68 0.81 0.18
C GLU C 115 0.26 0.58 1.63
N SER C 116 0.06 -0.67 2.02
CA SER C 116 -0.27 -0.97 3.41
C SER C 116 -0.06 -2.46 3.67
N ARG C 117 0.23 -2.79 4.91
CA ARG C 117 0.32 -4.17 5.38
C ARG C 117 -0.96 -4.52 6.12
N TYR C 118 -1.48 -5.72 5.84
CA TYR C 118 -2.78 -6.11 6.36
C TYR C 118 -2.88 -5.86 7.86
N SER C 119 -3.93 -5.15 8.26
CA SER C 119 -4.25 -4.95 9.66
C SER C 119 -5.71 -4.56 9.79
N PRO C 120 -6.59 -5.45 10.23
CA PRO C 120 -8.01 -5.12 10.30
C PRO C 120 -8.35 -4.26 11.51
N LEU C 121 -9.40 -3.47 11.37
CA LEU C 121 -10.07 -2.93 12.53
C LEU C 121 -10.48 -4.10 13.44
N LYS C 122 -10.35 -3.89 14.74
CA LYS C 122 -10.70 -4.94 15.69
C LYS C 122 -11.64 -4.42 16.76
N SER D 2 -39.87 -12.49 -22.45
CA SER D 2 -38.60 -13.08 -22.04
C SER D 2 -38.59 -14.58 -22.30
N ASP D 3 -37.40 -15.17 -22.23
CA ASP D 3 -37.30 -16.63 -22.34
C ASP D 3 -37.89 -17.30 -21.10
N TRP D 4 -37.67 -16.72 -19.93
CA TRP D 4 -38.30 -17.17 -18.70
C TRP D 4 -38.49 -15.98 -17.78
N SER D 5 -39.69 -15.88 -17.20
CA SER D 5 -39.96 -14.92 -16.16
C SER D 5 -40.76 -15.61 -15.07
N GLY D 6 -40.45 -15.27 -13.83
CA GLY D 6 -41.14 -15.88 -12.71
C GLY D 6 -40.54 -15.41 -11.40
N SER D 7 -41.00 -16.03 -10.32
CA SER D 7 -40.61 -15.64 -8.98
C SER D 7 -39.55 -16.59 -8.45
N VAL D 8 -38.62 -16.04 -7.68
CA VAL D 8 -37.63 -16.85 -6.95
C VAL D 8 -37.92 -16.72 -5.46
N PRO D 9 -38.55 -17.70 -4.83
CA PRO D 9 -38.83 -17.58 -3.40
C PRO D 9 -37.56 -17.62 -2.57
N ALA D 10 -37.54 -16.80 -1.52
CA ALA D 10 -36.37 -16.75 -0.65
C ALA D 10 -36.27 -17.98 0.24
N ASN D 11 -37.39 -18.63 0.53
CA ASN D 11 -37.41 -19.81 1.39
C ASN D 11 -37.19 -21.10 0.62
N ALA D 12 -36.82 -21.02 -0.65
CA ALA D 12 -36.61 -22.20 -1.49
C ALA D 12 -35.15 -22.60 -1.42
N GLU D 13 -34.83 -23.56 -0.56
CA GLU D 13 -33.43 -23.95 -0.35
C GLU D 13 -32.82 -24.56 -1.61
N ASN D 14 -33.64 -25.15 -2.46
CA ASN D 14 -33.18 -25.71 -3.72
C ASN D 14 -33.48 -24.80 -4.90
N GLY D 15 -33.83 -23.54 -4.64
CA GLY D 15 -34.02 -22.57 -5.69
C GLY D 15 -35.22 -22.85 -6.55
N LYS D 16 -35.25 -22.16 -7.69
CA LYS D 16 -36.36 -22.21 -8.63
C LYS D 16 -35.81 -22.64 -9.99
N SER D 17 -36.34 -23.74 -10.52
CA SER D 17 -35.96 -24.20 -11.85
C SER D 17 -36.61 -23.32 -12.91
N THR D 18 -35.82 -22.94 -13.92
CA THR D 18 -36.34 -22.16 -15.04
C THR D 18 -36.74 -23.03 -16.22
N GLY D 19 -36.27 -24.27 -16.28
CA GLY D 19 -36.49 -25.10 -17.45
C GLY D 19 -35.64 -24.75 -18.65
N LEU D 20 -34.77 -23.76 -18.52
CA LEU D 20 -33.85 -23.37 -19.59
C LEU D 20 -32.61 -24.25 -19.50
N ILE D 21 -32.36 -25.02 -20.56
CA ILE D 21 -31.19 -25.89 -20.63
C ILE D 21 -30.11 -25.15 -21.37
N LEU D 22 -29.08 -24.73 -20.64
CA LEU D 22 -28.02 -23.91 -21.20
C LEU D 22 -26.84 -24.78 -21.60
N LYS D 23 -26.13 -24.33 -22.62
CA LYS D 23 -24.93 -25.01 -23.11
C LYS D 23 -23.75 -24.06 -23.00
N GLN D 24 -22.57 -24.62 -22.77
CA GLN D 24 -21.35 -23.83 -22.74
C GLN D 24 -21.24 -22.98 -24.00
N GLY D 25 -20.99 -21.68 -23.81
CA GLY D 25 -20.89 -20.77 -24.92
C GLY D 25 -22.14 -19.96 -25.20
N ASP D 26 -23.29 -20.38 -24.67
CA ASP D 26 -24.47 -19.52 -24.72
C ASP D 26 -24.18 -18.21 -23.99
N THR D 27 -25.00 -17.20 -24.29
CA THR D 27 -24.97 -15.97 -23.52
C THR D 27 -26.38 -15.65 -23.04
N ILE D 28 -26.45 -15.05 -21.85
CA ILE D 28 -27.74 -14.79 -21.20
C ILE D 28 -27.71 -13.41 -20.57
N SER D 29 -28.91 -12.87 -20.33
CA SER D 29 -29.10 -11.67 -19.55
C SER D 29 -30.16 -11.95 -18.49
N VAL D 30 -30.01 -11.33 -17.33
CA VAL D 30 -30.94 -11.49 -16.23
C VAL D 30 -31.14 -10.14 -15.56
N VAL D 31 -32.37 -9.88 -15.12
CA VAL D 31 -32.66 -8.77 -14.22
C VAL D 31 -33.59 -9.28 -13.12
N ALA D 32 -33.37 -8.81 -11.90
CA ALA D 32 -34.12 -9.25 -10.75
C ALA D 32 -34.63 -8.03 -9.99
N HIS D 33 -35.90 -8.09 -9.59
CA HIS D 33 -36.56 -6.98 -8.92
C HIS D 33 -37.13 -7.43 -7.59
N GLY D 34 -37.18 -6.51 -6.64
CA GLY D 34 -37.98 -6.68 -5.44
C GLY D 34 -37.17 -6.94 -4.20
N TRP D 35 -37.85 -7.48 -3.19
CA TRP D 35 -37.33 -7.58 -1.83
C TRP D 35 -37.76 -8.90 -1.21
N VAL D 36 -36.91 -9.43 -0.32
CA VAL D 36 -37.24 -10.60 0.46
C VAL D 36 -36.72 -10.41 1.88
N LYS D 37 -37.23 -11.25 2.78
CA LYS D 37 -36.71 -11.39 4.13
C LYS D 37 -35.84 -12.64 4.22
N TYR D 38 -34.60 -12.47 4.68
CA TYR D 38 -33.76 -13.61 5.02
C TYR D 38 -33.77 -13.89 6.52
N GLY D 39 -34.61 -13.17 7.27
CA GLY D 39 -34.87 -13.44 8.67
C GLY D 39 -36.14 -12.75 9.09
N ARG D 40 -36.59 -13.04 10.31
CA ARG D 40 -37.85 -12.50 10.80
C ARG D 40 -37.72 -11.09 11.36
N ASP D 41 -36.51 -10.62 11.64
CA ASP D 41 -36.31 -9.28 12.15
C ASP D 41 -36.59 -8.25 11.04
N ASN D 42 -37.08 -7.08 11.44
CA ASN D 42 -37.41 -6.06 10.44
C ASN D 42 -36.17 -5.42 9.81
N VAL D 43 -34.97 -5.81 10.23
CA VAL D 43 -33.76 -5.33 9.56
C VAL D 43 -33.26 -6.32 8.52
N GLU D 44 -33.75 -7.56 8.52
CA GLU D 44 -33.19 -8.61 7.68
C GLU D 44 -33.86 -8.64 6.31
N TRP D 45 -33.66 -7.55 5.58
CA TRP D 45 -34.14 -7.38 4.22
C TRP D 45 -32.99 -7.61 3.24
N ALA D 46 -33.30 -8.18 2.08
CA ALA D 46 -32.32 -8.36 1.03
C ALA D 46 -32.90 -7.96 -0.32
N ALA D 47 -32.11 -7.24 -1.09
CA ALA D 47 -32.30 -7.12 -2.52
C ALA D 47 -31.59 -8.26 -3.22
N PRO D 48 -31.81 -8.44 -4.53
CA PRO D 48 -31.07 -9.50 -5.23
C PRO D 48 -29.57 -9.34 -5.07
N ASP D 49 -29.07 -8.11 -5.05
CA ASP D 49 -27.66 -7.85 -4.83
C ASP D 49 -27.19 -8.30 -3.45
N GLY D 50 -28.11 -8.47 -2.51
CA GLY D 50 -27.75 -8.94 -1.19
C GLY D 50 -28.44 -8.21 -0.07
N PRO D 51 -28.03 -8.50 1.16
CA PRO D 51 -28.63 -7.85 2.32
C PRO D 51 -28.40 -6.34 2.30
N VAL D 52 -29.37 -5.60 2.84
CA VAL D 52 -29.22 -4.18 3.08
C VAL D 52 -27.96 -3.98 3.91
N PRO D 53 -27.08 -3.02 3.55
CA PRO D 53 -25.79 -2.93 4.25
C PRO D 53 -25.81 -2.32 5.64
N ASN D 54 -26.96 -2.24 6.30
CA ASN D 54 -26.97 -1.92 7.73
C ASN D 54 -27.03 -3.18 8.59
N ASN D 55 -27.07 -4.35 7.96
CA ASN D 55 -27.02 -5.63 8.66
C ASN D 55 -26.31 -6.63 7.76
N PRO D 56 -25.03 -6.42 7.48
CA PRO D 56 -24.35 -7.20 6.44
C PRO D 56 -24.14 -8.65 6.86
N GLN D 57 -24.04 -9.50 5.85
CA GLN D 57 -23.86 -10.94 6.05
C GLN D 57 -22.57 -11.38 5.35
N PRO D 58 -22.14 -12.62 5.54
CA PRO D 58 -20.91 -13.07 4.87
C PRO D 58 -21.05 -12.99 3.35
N SER D 59 -19.89 -13.05 2.69
CA SER D 59 -19.81 -12.87 1.26
C SER D 59 -20.78 -13.80 0.52
N SER D 60 -21.56 -13.23 -0.39
CA SER D 60 -22.47 -13.93 -1.29
C SER D 60 -23.70 -14.50 -0.58
N ILE D 61 -23.78 -14.39 0.75
CA ILE D 61 -24.94 -14.91 1.47
C ILE D 61 -26.14 -13.99 1.25
N ALA D 62 -27.31 -14.60 1.06
CA ALA D 62 -28.56 -13.88 0.88
C ALA D 62 -28.50 -12.98 -0.35
N THR D 63 -27.87 -13.48 -1.40
CA THR D 63 -27.86 -12.85 -2.72
C THR D 63 -28.48 -13.80 -3.73
N LEU D 64 -28.95 -13.24 -4.83
CA LEU D 64 -29.48 -14.07 -5.92
C LEU D 64 -28.34 -14.61 -6.76
N VAL D 65 -28.30 -15.92 -6.95
CA VAL D 65 -27.25 -16.56 -7.72
C VAL D 65 -27.88 -17.49 -8.74
N ALA D 66 -27.08 -17.88 -9.73
CA ALA D 66 -27.44 -18.92 -10.68
C ALA D 66 -26.69 -20.20 -10.35
N LYS D 67 -27.42 -21.31 -10.23
CA LYS D 67 -26.83 -22.64 -10.16
C LYS D 67 -26.90 -23.28 -11.54
N ILE D 68 -25.75 -23.60 -12.11
CA ILE D 68 -25.66 -24.37 -13.35
C ILE D 68 -24.61 -25.45 -13.14
N ALA D 69 -24.98 -26.70 -13.40
CA ALA D 69 -24.08 -27.84 -13.23
C ALA D 69 -23.50 -27.90 -11.81
N ASN D 70 -24.37 -27.66 -10.82
CA ASN D 70 -23.96 -27.62 -9.41
C ASN D 70 -22.72 -26.73 -9.24
N LYS D 71 -22.73 -25.59 -9.92
CA LYS D 71 -21.78 -24.52 -9.70
C LYS D 71 -22.56 -23.22 -9.60
N LYS D 72 -22.11 -22.33 -8.71
CA LYS D 72 -22.83 -21.08 -8.43
C LYS D 72 -22.14 -19.90 -9.09
N PHE D 73 -22.94 -19.02 -9.68
CA PHE D 73 -22.46 -17.80 -10.32
C PHE D 73 -23.24 -16.63 -9.77
N ALA D 74 -22.55 -15.51 -9.56
CA ALA D 74 -23.21 -14.29 -9.09
C ALA D 74 -24.18 -13.77 -10.15
N ILE D 75 -25.35 -13.34 -9.70
CA ILE D 75 -26.33 -12.68 -10.57
C ILE D 75 -26.71 -11.34 -9.94
N GLY D 76 -27.23 -11.40 -8.72
CA GLY D 76 -27.67 -10.18 -8.05
C GLY D 76 -28.78 -9.50 -8.80
N ASN D 77 -28.72 -8.16 -8.83
CA ASN D 77 -29.76 -7.40 -9.49
C ASN D 77 -29.83 -7.70 -10.99
N GLY D 78 -28.74 -8.17 -11.58
CA GLY D 78 -28.81 -8.66 -12.95
C GLY D 78 -27.46 -8.75 -13.60
N VAL D 79 -27.46 -9.38 -14.78
CA VAL D 79 -26.28 -9.45 -15.64
C VAL D 79 -26.72 -9.27 -17.08
N LEU D 80 -25.79 -8.79 -17.92
CA LEU D 80 -26.06 -8.53 -19.33
C LEU D 80 -25.08 -9.31 -20.20
N HIS D 81 -25.63 -10.10 -21.14
CA HIS D 81 -24.85 -10.75 -22.19
C HIS D 81 -23.61 -11.46 -21.62
N LYS D 82 -23.84 -12.32 -20.62
CA LYS D 82 -22.77 -13.09 -20.01
C LYS D 82 -22.67 -14.47 -20.65
N THR D 83 -21.45 -14.92 -20.84
CA THR D 83 -21.22 -16.24 -21.44
C THR D 83 -21.39 -17.33 -20.39
N VAL D 84 -22.14 -18.36 -20.74
CA VAL D 84 -22.37 -19.52 -19.87
C VAL D 84 -21.15 -20.43 -19.97
N PRO D 85 -20.43 -20.70 -18.88
CA PRO D 85 -19.24 -21.57 -18.97
C PRO D 85 -19.48 -23.07 -18.84
N VAL D 86 -20.70 -23.52 -18.50
CA VAL D 86 -20.97 -24.93 -18.29
C VAL D 86 -22.35 -25.27 -18.84
N ASP D 87 -22.52 -26.54 -19.23
CA ASP D 87 -23.83 -27.05 -19.63
C ASP D 87 -24.69 -27.32 -18.39
N GLY D 88 -25.97 -27.02 -18.50
CA GLY D 88 -26.90 -27.45 -17.47
C GLY D 88 -28.14 -26.57 -17.45
N GLU D 89 -29.13 -27.05 -16.69
CA GLU D 89 -30.33 -26.26 -16.47
C GLU D 89 -30.03 -25.08 -15.57
N LEU D 90 -30.62 -23.93 -15.88
CA LEU D 90 -30.47 -22.75 -15.05
C LEU D 90 -31.39 -22.87 -13.84
N ILE D 91 -30.81 -22.88 -12.65
CA ILE D 91 -31.56 -22.81 -11.39
C ILE D 91 -31.24 -21.46 -10.76
N LEU D 92 -32.28 -20.75 -10.33
CA LEU D 92 -32.12 -19.47 -9.65
C LEU D 92 -32.35 -19.69 -8.17
N LEU D 93 -31.43 -19.18 -7.34
CA LEU D 93 -31.40 -19.49 -5.92
C LEU D 93 -31.15 -18.24 -5.11
N PHE D 94 -31.93 -18.04 -4.06
CA PHE D 94 -31.58 -17.11 -3.00
C PHE D 94 -30.56 -17.80 -2.09
N ASN D 95 -29.31 -17.33 -2.13
CA ASN D 95 -28.18 -18.10 -1.60
C ASN D 95 -28.01 -17.87 -0.09
N ASP D 96 -29.02 -18.28 0.67
CA ASP D 96 -28.92 -18.16 2.11
C ASP D 96 -28.01 -19.25 2.68
N VAL D 97 -27.70 -19.13 3.96
CA VAL D 97 -26.88 -20.12 4.66
C VAL D 97 -27.64 -21.44 4.70
N PRO D 98 -27.07 -22.55 4.24
CA PRO D 98 -27.78 -23.83 4.33
C PRO D 98 -28.32 -24.07 5.73
N GLY D 99 -29.59 -24.46 5.80
CA GLY D 99 -30.25 -24.68 7.07
C GLY D 99 -31.02 -23.49 7.61
N THR D 100 -30.87 -22.30 7.02
CA THR D 100 -31.51 -21.09 7.52
C THR D 100 -32.58 -20.56 6.58
N PHE D 101 -33.19 -21.42 5.77
CA PHE D 101 -34.23 -20.96 4.85
C PHE D 101 -35.60 -20.89 5.52
N GLY D 102 -35.78 -21.53 6.67
CA GLY D 102 -37.07 -21.57 7.32
C GLY D 102 -37.60 -20.23 7.80
N ASP D 103 -36.72 -19.26 8.05
CA ASP D 103 -37.16 -17.94 8.49
C ASP D 103 -37.22 -16.93 7.35
N ASN D 104 -37.09 -17.38 6.10
CA ASN D 104 -37.17 -16.52 4.94
C ASN D 104 -38.61 -16.35 4.46
N SER D 105 -38.87 -15.24 3.78
CA SER D 105 -40.17 -15.00 3.17
C SER D 105 -40.02 -14.00 2.05
N GLY D 106 -41.05 -13.96 1.18
CA GLY D 106 -41.02 -13.13 0.00
C GLY D 106 -40.33 -13.80 -1.17
N GLU D 107 -40.36 -13.12 -2.32
CA GLU D 107 -39.71 -13.62 -3.52
C GLU D 107 -39.27 -12.45 -4.39
N PHE D 108 -38.28 -12.71 -5.24
CA PHE D 108 -37.87 -11.77 -6.27
C PHE D 108 -38.63 -12.07 -7.55
N GLN D 109 -38.92 -11.01 -8.31
CA GLN D 109 -39.44 -11.13 -9.66
C GLN D 109 -38.27 -11.03 -10.62
N VAL D 110 -38.10 -12.05 -11.44
CA VAL D 110 -36.88 -12.21 -12.24
C VAL D 110 -37.25 -12.52 -13.68
N GLU D 111 -36.46 -11.99 -14.61
CA GLU D 111 -36.61 -12.26 -16.04
C GLU D 111 -35.27 -12.75 -16.58
N VAL D 112 -35.33 -13.76 -17.46
CA VAL D 112 -34.14 -14.34 -18.07
C VAL D 112 -34.31 -14.30 -19.58
N ILE D 113 -33.26 -13.89 -20.28
CA ILE D 113 -33.20 -13.95 -21.74
C ILE D 113 -31.96 -14.76 -22.12
N ILE D 114 -32.14 -15.73 -23.01
CA ILE D 114 -31.02 -16.36 -23.70
C ILE D 114 -30.69 -15.47 -24.90
N GLU D 115 -29.60 -14.71 -24.78
CA GLU D 115 -29.24 -13.77 -25.84
C GLU D 115 -28.72 -14.48 -27.09
N SER D 116 -28.09 -15.63 -26.92
CA SER D 116 -27.62 -16.38 -28.09
C SER D 116 -27.29 -17.81 -27.66
N ARG D 117 -27.42 -18.73 -28.61
CA ARG D 117 -26.97 -20.10 -28.46
C ARG D 117 -25.64 -20.27 -29.16
N TYR D 118 -24.71 -20.98 -28.49
CA TYR D 118 -23.36 -21.09 -28.98
C TYR D 118 -23.31 -21.54 -30.43
N SER D 119 -22.59 -20.76 -31.25
CA SER D 119 -22.25 -21.13 -32.62
C SER D 119 -21.00 -20.37 -33.04
N PRO D 120 -19.90 -21.04 -33.35
CA PRO D 120 -18.65 -20.32 -33.65
C PRO D 120 -18.53 -19.95 -35.12
N LEU D 121 -17.77 -18.89 -35.37
CA LEU D 121 -17.27 -18.62 -36.71
C LEU D 121 -16.45 -19.82 -37.18
N LYS D 122 -16.70 -20.27 -38.40
CA LYS D 122 -16.03 -21.45 -38.92
C LYS D 122 -15.34 -21.13 -40.25
N SER E 2 4.33 -1.33 10.31
CA SER E 2 4.59 0.06 9.95
C SER E 2 6.08 0.29 9.73
N ASP E 3 6.47 1.54 9.52
CA ASP E 3 7.87 1.87 9.32
C ASP E 3 8.63 1.92 10.63
N TRP E 4 7.97 2.32 11.71
CA TRP E 4 8.55 2.28 13.04
C TRP E 4 7.41 2.23 14.05
N SER E 5 7.57 1.36 15.05
CA SER E 5 6.65 1.35 16.18
C SER E 5 7.45 1.06 17.44
N GLY E 6 7.17 1.83 18.49
CA GLY E 6 7.90 1.67 19.72
C GLY E 6 7.33 2.56 20.80
N SER E 7 8.04 2.62 21.90
CA SER E 7 7.64 3.45 23.03
C SER E 7 8.48 4.72 23.09
N VAL E 8 7.89 5.78 23.62
CA VAL E 8 8.56 7.05 23.82
C VAL E 8 8.49 7.39 25.30
N PRO E 9 9.58 7.19 26.05
CA PRO E 9 9.55 7.46 27.49
C PRO E 9 9.34 8.94 27.78
N ALA E 10 8.51 9.21 28.80
CA ALA E 10 8.24 10.58 29.19
C ALA E 10 9.44 11.22 29.88
N ASN E 11 10.28 10.42 30.53
CA ASN E 11 11.44 10.94 31.25
C ASN E 11 12.68 11.09 30.37
N ALA E 12 12.57 10.80 29.07
CA ALA E 12 13.71 10.91 28.15
C ALA E 12 13.80 12.34 27.67
N GLU E 13 14.75 13.11 28.22
CA GLU E 13 14.87 14.51 27.84
C GLU E 13 15.29 14.70 26.39
N ASN E 14 15.93 13.69 25.79
CA ASN E 14 16.33 13.76 24.39
C ASN E 14 15.45 12.93 23.47
N GLY E 15 14.34 12.39 23.98
CA GLY E 15 13.40 11.68 23.14
C GLY E 15 13.86 10.29 22.75
N LYS E 16 13.16 9.72 21.77
CA LYS E 16 13.42 8.39 21.26
C LYS E 16 13.76 8.51 19.78
N SER E 17 14.98 8.11 19.41
CA SER E 17 15.39 8.12 18.02
C SER E 17 14.75 6.95 17.29
N THR E 18 14.03 7.22 16.19
CA THR E 18 13.34 6.18 15.45
C THR E 18 14.23 5.48 14.43
N GLY E 19 15.33 6.12 14.01
CA GLY E 19 16.12 5.60 12.92
C GLY E 19 15.53 5.85 11.55
N LEU E 20 14.41 6.58 11.46
CA LEU E 20 13.83 6.97 10.18
C LEU E 20 14.50 8.26 9.72
N ILE E 21 15.22 8.18 8.61
CA ILE E 21 15.94 9.33 8.07
C ILE E 21 15.02 10.00 7.05
N LEU E 22 14.47 11.16 7.42
CA LEU E 22 13.49 11.84 6.60
C LEU E 22 14.14 12.95 5.80
N LYS E 23 13.56 13.23 4.63
CA LYS E 23 13.99 14.31 3.75
C LYS E 23 12.85 15.31 3.59
N GLN E 24 13.21 16.55 3.27
CA GLN E 24 12.20 17.55 2.94
C GLN E 24 11.37 17.06 1.77
N GLY E 25 10.05 17.11 1.93
CA GLY E 25 9.12 16.69 0.91
C GLY E 25 8.51 15.32 1.14
N ASP E 26 9.13 14.49 1.97
CA ASP E 26 8.48 13.25 2.40
C ASP E 26 7.18 13.59 3.13
N THR E 27 6.28 12.62 3.19
CA THR E 27 5.08 12.74 4.00
C THR E 27 4.99 11.56 4.94
N ILE E 28 4.49 11.81 6.16
CA ILE E 28 4.43 10.80 7.21
C ILE E 28 3.07 10.84 7.90
N SER E 29 2.73 9.72 8.53
CA SER E 29 1.59 9.65 9.43
C SER E 29 2.06 9.06 10.75
N VAL E 30 1.42 9.50 11.84
CA VAL E 30 1.78 9.10 13.19
C VAL E 30 0.50 8.93 14.00
N VAL E 31 0.42 7.88 14.80
CA VAL E 31 -0.60 7.76 15.84
C VAL E 31 0.11 7.39 17.14
N ALA E 32 -0.42 7.90 18.25
CA ALA E 32 0.19 7.72 19.55
C ALA E 32 -0.88 7.38 20.57
N HIS E 33 -0.63 6.33 21.35
CA HIS E 33 -1.57 5.82 22.33
C HIS E 33 -0.94 5.86 23.72
N GLY E 34 -1.81 5.82 24.73
CA GLY E 34 -1.37 5.59 26.09
C GLY E 34 -1.30 6.84 26.93
N TRP E 35 -0.60 6.71 28.06
CA TRP E 35 -0.61 7.71 29.12
C TRP E 35 0.76 7.79 29.76
N VAL E 36 1.12 9.00 30.18
CA VAL E 36 2.34 9.22 30.94
C VAL E 36 2.06 10.21 32.07
N LYS E 37 2.98 10.23 33.03
CA LYS E 37 2.99 11.23 34.08
C LYS E 37 4.09 12.25 33.78
N TYR E 38 3.73 13.53 33.79
CA TYR E 38 4.72 14.61 33.69
C TYR E 38 5.03 15.19 35.05
N GLY E 39 4.49 14.60 36.12
CA GLY E 39 4.77 15.03 37.48
C GLY E 39 4.21 14.01 38.43
N ARG E 40 4.56 14.17 39.70
CA ARG E 40 4.21 13.18 40.71
C ARG E 40 2.77 13.31 41.20
N ASP E 41 2.14 14.45 40.99
CA ASP E 41 0.79 14.67 41.49
C ASP E 41 -0.22 13.78 40.75
N ASN E 42 -1.28 13.42 41.47
CA ASN E 42 -2.28 12.49 40.94
C ASN E 42 -2.96 13.00 39.67
N VAL E 43 -2.98 14.33 39.46
CA VAL E 43 -3.62 14.91 38.29
C VAL E 43 -2.66 15.18 37.14
N GLU E 44 -1.37 14.97 37.33
CA GLU E 44 -0.38 15.32 36.33
C GLU E 44 -0.24 14.22 35.29
N TRP E 45 -1.36 13.82 34.69
CA TRP E 45 -1.36 12.87 33.59
C TRP E 45 -1.37 13.60 32.26
N ALA E 46 -0.78 12.96 31.24
CA ALA E 46 -0.77 13.50 29.89
C ALA E 46 -1.11 12.40 28.89
N ALA E 47 -2.02 12.70 27.98
CA ALA E 47 -2.11 11.97 26.73
C ALA E 47 -1.07 12.54 25.77
N PRO E 48 -0.83 11.89 24.63
CA PRO E 48 0.04 12.50 23.62
C PRO E 48 -0.39 13.90 23.25
N ASP E 49 -1.70 14.18 23.25
CA ASP E 49 -2.18 15.53 22.99
C ASP E 49 -1.72 16.52 24.05
N GLY E 50 -1.41 16.04 25.25
CA GLY E 50 -0.94 16.91 26.30
C GLY E 50 -1.59 16.65 27.64
N PRO E 51 -1.35 17.54 28.60
CA PRO E 51 -1.90 17.35 29.94
C PRO E 51 -3.42 17.28 29.94
N VAL E 52 -3.96 16.51 30.88
CA VAL E 52 -5.40 16.53 31.11
C VAL E 52 -5.83 17.95 31.49
N PRO E 53 -6.90 18.50 30.90
CA PRO E 53 -7.16 19.94 31.08
C PRO E 53 -7.55 20.38 32.48
N ASN E 54 -7.70 19.47 33.45
CA ASN E 54 -7.92 19.91 34.82
C ASN E 54 -6.65 20.39 35.50
N ASN E 55 -5.52 20.35 34.79
CA ASN E 55 -4.26 20.93 35.29
C ASN E 55 -3.47 21.44 34.08
N PRO E 56 -3.97 22.49 33.42
CA PRO E 56 -3.39 22.89 32.13
C PRO E 56 -1.96 23.38 32.28
N GLN E 57 -1.16 23.15 31.24
CA GLN E 57 0.21 23.62 31.18
C GLN E 57 0.38 24.52 29.96
N PRO E 58 1.48 25.28 29.86
CA PRO E 58 1.64 26.19 28.72
C PRO E 58 1.55 25.47 27.39
N SER E 59 1.33 26.24 26.33
CA SER E 59 1.11 25.67 25.02
C SER E 59 2.27 24.78 24.60
N SER E 60 1.93 23.59 24.10
CA SER E 60 2.88 22.62 23.58
C SER E 60 3.63 21.85 24.68
N ILE E 61 3.58 22.33 25.92
CA ILE E 61 4.33 21.68 26.99
C ILE E 61 3.68 20.35 27.34
N ALA E 62 4.51 19.34 27.57
CA ALA E 62 4.06 18.00 27.97
C ALA E 62 3.19 17.35 26.90
N THR E 63 3.46 17.65 25.64
CA THR E 63 2.83 16.99 24.51
C THR E 63 3.88 16.20 23.73
N LEU E 64 3.41 15.18 23.03
CA LEU E 64 4.27 14.45 22.11
C LEU E 64 4.60 15.33 20.91
N VAL E 65 5.88 15.48 20.60
CA VAL E 65 6.33 16.25 19.45
C VAL E 65 7.33 15.42 18.66
N ALA E 66 7.60 15.88 17.45
CA ALA E 66 8.64 15.32 16.60
C ALA E 66 9.78 16.31 16.50
N LYS E 67 11.01 15.83 16.68
CA LYS E 67 12.20 16.63 16.48
C LYS E 67 12.91 16.16 15.22
N ILE E 68 13.14 17.09 14.29
CA ILE E 68 13.85 16.81 13.04
C ILE E 68 14.81 17.96 12.81
N ALA E 69 16.12 17.65 12.82
CA ALA E 69 17.14 18.68 12.64
C ALA E 69 17.03 19.77 13.70
N ASN E 70 16.72 19.35 14.94
CA ASN E 70 16.62 20.26 16.08
C ASN E 70 15.46 21.24 15.95
N LYS E 71 14.51 20.95 15.05
CA LYS E 71 13.26 21.68 14.96
C LYS E 71 12.14 20.80 15.50
N LYS E 72 11.19 21.40 16.20
CA LYS E 72 10.10 20.66 16.84
C LYS E 72 8.81 20.87 16.08
N PHE E 73 8.05 19.79 15.93
CA PHE E 73 6.76 19.84 15.23
C PHE E 73 5.71 19.12 16.07
N ALA E 74 4.51 19.70 16.11
CA ALA E 74 3.42 19.10 16.86
C ALA E 74 3.02 17.77 16.25
N ILE E 75 2.73 16.80 17.13
CA ILE E 75 2.25 15.48 16.72
C ILE E 75 1.00 15.17 17.53
N GLY E 76 1.13 15.23 18.86
CA GLY E 76 0.02 14.92 19.73
C GLY E 76 -0.45 13.49 19.53
N ASN E 77 -1.77 13.31 19.60
CA ASN E 77 -2.37 11.98 19.41
C ASN E 77 -2.09 11.42 18.01
N GLY E 78 -1.78 12.26 17.04
CA GLY E 78 -1.36 11.78 15.73
C GLY E 78 -1.51 12.84 14.66
N VAL E 79 -0.90 12.55 13.51
CA VAL E 79 -1.05 13.37 12.31
C VAL E 79 -1.16 12.44 11.10
N LEU E 80 -1.86 12.92 10.07
CA LEU E 80 -2.11 12.15 8.86
C LEU E 80 -1.49 12.86 7.66
N HIS E 81 -0.61 12.15 6.95
CA HIS E 81 -0.08 12.60 5.66
C HIS E 81 0.44 14.03 5.72
N LYS E 82 1.34 14.29 6.66
CA LYS E 82 1.95 15.61 6.79
C LYS E 82 3.28 15.66 6.06
N THR E 83 3.57 16.80 5.46
CA THR E 83 4.81 16.97 4.71
C THR E 83 5.95 17.37 5.65
N VAL E 84 7.09 16.73 5.48
CA VAL E 84 8.29 16.97 6.28
C VAL E 84 9.01 18.20 5.72
N PRO E 85 9.25 19.25 6.52
CA PRO E 85 9.90 20.45 5.99
C PRO E 85 11.41 20.50 6.03
N VAL E 86 12.09 19.55 6.69
CA VAL E 86 13.54 19.59 6.80
C VAL E 86 14.09 18.17 6.79
N ASP E 87 15.31 18.02 6.30
CA ASP E 87 16.03 16.75 6.38
C ASP E 87 16.39 16.44 7.83
N GLY E 88 16.38 15.16 8.16
CA GLY E 88 16.88 14.72 9.45
C GLY E 88 16.19 13.46 9.92
N GLU E 89 16.80 12.85 10.93
CA GLU E 89 16.19 11.68 11.56
C GLU E 89 15.01 12.10 12.43
N LEU E 90 13.93 11.35 12.33
CA LEU E 90 12.77 11.61 13.18
C LEU E 90 13.07 11.20 14.61
N ILE E 91 13.00 12.16 15.52
CA ILE E 91 13.07 11.91 16.96
C ILE E 91 11.69 12.19 17.53
N LEU E 92 11.18 11.27 18.35
CA LEU E 92 9.92 11.47 19.03
C LEU E 92 10.20 11.87 20.48
N LEU E 93 9.55 12.94 20.92
CA LEU E 93 9.90 13.61 22.17
C LEU E 93 8.65 14.00 22.94
N PHE E 94 8.64 13.66 24.23
CA PHE E 94 7.70 14.24 25.17
C PHE E 94 8.20 15.63 25.55
N ASN E 95 7.50 16.66 25.10
CA ASN E 95 8.01 18.03 25.12
C ASN E 95 7.75 18.71 26.47
N ASP E 96 8.34 18.14 27.52
CA ASP E 96 8.24 18.72 28.85
C ASP E 96 9.18 19.92 28.97
N VAL E 97 8.98 20.69 30.03
CA VAL E 97 9.86 21.84 30.26
C VAL E 97 11.29 21.34 30.50
N PRO E 98 12.31 21.90 29.87
CA PRO E 98 13.68 21.41 30.09
C PRO E 98 14.04 21.42 31.56
N GLY E 99 14.71 20.35 32.00
CA GLY E 99 15.11 20.20 33.38
C GLY E 99 14.04 19.66 34.31
N THR E 100 12.82 19.40 33.81
CA THR E 100 11.73 18.89 34.62
C THR E 100 11.31 17.49 34.20
N PHE E 101 12.24 16.72 33.66
CA PHE E 101 11.96 15.35 33.22
C PHE E 101 12.14 14.33 34.33
N GLY E 102 12.68 14.71 35.48
CA GLY E 102 12.96 13.74 36.53
C GLY E 102 11.71 13.23 37.24
N ASP E 103 10.65 14.04 37.30
CA ASP E 103 9.40 13.63 37.91
C ASP E 103 8.47 12.94 36.92
N ASN E 104 8.95 12.62 35.73
CA ASN E 104 8.13 12.00 34.69
C ASN E 104 8.28 10.48 34.74
N SER E 105 7.25 9.78 34.25
CA SER E 105 7.25 8.33 34.19
C SER E 105 6.22 7.88 33.18
N GLY E 106 6.33 6.62 32.78
CA GLY E 106 5.47 6.06 31.75
C GLY E 106 5.99 6.34 30.35
N GLU E 107 5.30 5.78 29.37
CA GLU E 107 5.69 5.95 27.98
C GLU E 107 4.46 5.85 27.09
N PHE E 108 4.53 6.50 25.93
CA PHE E 108 3.53 6.35 24.89
C PHE E 108 3.92 5.22 23.95
N GLN E 109 2.92 4.58 23.35
CA GLN E 109 3.13 3.63 22.26
C GLN E 109 2.80 4.35 20.96
N VAL E 110 3.78 4.42 20.05
CA VAL E 110 3.68 5.24 18.86
C VAL E 110 3.98 4.40 17.62
N GLU E 111 3.24 4.67 16.55
CA GLU E 111 3.47 4.08 15.25
C GLU E 111 3.74 5.19 14.23
N VAL E 112 4.73 4.99 13.37
CA VAL E 112 5.07 5.94 12.32
C VAL E 112 5.03 5.21 10.99
N ILE E 113 4.37 5.83 10.01
CA ILE E 113 4.37 5.34 8.63
C ILE E 113 4.90 6.46 7.73
N ILE E 114 5.91 6.12 6.93
CA ILE E 114 6.37 7.02 5.88
C ILE E 114 5.42 6.83 4.69
N GLU E 115 4.51 7.79 4.51
CA GLU E 115 3.49 7.67 3.48
C GLU E 115 4.09 7.81 2.08
N SER E 116 5.15 8.59 1.92
CA SER E 116 5.75 8.75 0.61
C SER E 116 7.12 9.39 0.75
N ARG E 117 7.99 9.07 -0.20
CA ARG E 117 9.31 9.68 -0.32
C ARG E 117 9.26 10.72 -1.43
N TYR E 118 9.89 11.87 -1.19
CA TYR E 118 9.75 13.02 -2.07
C TYR E 118 10.16 12.68 -3.50
N SER E 119 9.26 12.97 -4.44
CA SER E 119 9.54 12.90 -5.86
C SER E 119 8.55 13.80 -6.60
N PRO E 120 9.00 14.87 -7.22
CA PRO E 120 8.05 15.79 -7.86
C PRO E 120 7.65 15.35 -9.25
N LEU E 121 6.44 15.75 -9.66
CA LEU E 121 6.11 15.75 -11.08
C LEU E 121 7.16 16.54 -11.83
N LYS E 122 7.56 16.05 -13.00
CA LYS E 122 8.56 16.74 -13.80
C LYS E 122 8.16 16.76 -15.27
N SER F 2 43.96 5.30 8.51
CA SER F 2 44.48 3.99 8.13
C SER F 2 45.61 4.14 7.12
N ASP F 3 46.25 3.02 6.78
CA ASP F 3 47.32 3.04 5.79
C ASP F 3 46.77 3.01 4.38
N TRP F 4 45.64 2.32 4.18
CA TRP F 4 44.93 2.36 2.92
C TRP F 4 43.44 2.20 3.21
N SER F 5 42.62 2.99 2.53
CA SER F 5 41.18 2.80 2.55
C SER F 5 40.63 3.10 1.17
N GLY F 6 39.64 2.34 0.75
CA GLY F 6 39.08 2.53 -0.57
C GLY F 6 37.99 1.51 -0.83
N SER F 7 37.54 1.50 -2.09
CA SER F 7 36.45 0.65 -2.52
C SER F 7 37.01 -0.58 -3.24
N VAL F 8 36.34 -1.71 -3.04
CA VAL F 8 36.67 -2.95 -3.73
C VAL F 8 35.47 -3.33 -4.59
N PRO F 9 35.52 -3.10 -5.90
CA PRO F 9 34.36 -3.38 -6.75
C PRO F 9 34.13 -4.87 -6.91
N ALA F 10 32.85 -5.27 -6.81
CA ALA F 10 32.48 -6.66 -7.00
C ALA F 10 32.78 -7.14 -8.41
N ASN F 11 32.65 -6.27 -9.41
CA ASN F 11 32.84 -6.66 -10.80
C ASN F 11 34.29 -6.55 -11.26
N ALA F 12 35.23 -6.37 -10.34
CA ALA F 12 36.64 -6.22 -10.68
C ALA F 12 37.28 -7.60 -10.62
N GLU F 13 37.43 -8.24 -11.78
CA GLU F 13 37.96 -9.60 -11.81
C GLU F 13 39.41 -9.66 -11.39
N ASN F 14 40.17 -8.59 -11.63
CA ASN F 14 41.55 -8.50 -11.19
C ASN F 14 41.70 -7.84 -9.82
N GLY F 15 40.58 -7.52 -9.16
CA GLY F 15 40.64 -6.97 -7.82
C GLY F 15 40.98 -5.50 -7.80
N LYS F 16 41.27 -5.02 -6.59
CA LYS F 16 41.60 -3.61 -6.35
C LYS F 16 43.00 -3.54 -5.75
N SER F 17 43.93 -2.97 -6.50
CA SER F 17 45.31 -2.82 -6.03
C SER F 17 45.38 -1.71 -5.00
N THR F 18 45.90 -2.03 -3.81
CA THR F 18 46.03 -1.04 -2.74
C THR F 18 47.31 -0.22 -2.84
N GLY F 19 48.33 -0.72 -3.54
CA GLY F 19 49.63 -0.09 -3.54
C GLY F 19 50.48 -0.38 -2.32
N LEU F 20 49.93 -1.03 -1.30
CA LEU F 20 50.71 -1.41 -0.13
C LEU F 20 51.61 -2.59 -0.48
N ILE F 21 52.92 -2.37 -0.41
CA ILE F 21 53.90 -3.41 -0.70
C ILE F 21 54.23 -4.14 0.60
N LEU F 22 53.76 -5.37 0.71
CA LEU F 22 53.91 -6.16 1.93
C LEU F 22 55.10 -7.10 1.83
N LYS F 23 55.71 -7.36 2.98
CA LYS F 23 56.82 -8.29 3.10
C LYS F 23 56.43 -9.42 4.05
N GLN F 24 56.99 -10.61 3.79
CA GLN F 24 56.81 -11.73 4.69
C GLN F 24 57.23 -11.35 6.10
N GLY F 25 56.35 -11.59 7.06
CA GLY F 25 56.58 -11.23 8.44
C GLY F 25 55.93 -9.94 8.87
N ASP F 26 55.52 -9.10 7.92
CA ASP F 26 54.65 -7.99 8.25
C ASP F 26 53.37 -8.50 8.92
N THR F 27 52.73 -7.65 9.71
CA THR F 27 51.41 -7.93 10.24
C THR F 27 50.46 -6.81 9.86
N ILE F 28 49.22 -7.20 9.49
CA ILE F 28 48.22 -6.25 8.99
C ILE F 28 46.89 -6.50 9.67
N SER F 29 46.04 -5.47 9.65
CA SER F 29 44.65 -5.58 10.06
C SER F 29 43.77 -5.01 8.96
N VAL F 30 42.58 -5.60 8.81
CA VAL F 30 41.63 -5.21 7.77
C VAL F 30 40.23 -5.23 8.37
N VAL F 31 39.40 -4.25 7.97
CA VAL F 31 37.96 -4.29 8.19
C VAL F 31 37.29 -3.96 6.86
N ALA F 32 36.16 -4.62 6.62
CA ALA F 32 35.43 -4.49 5.36
C ALA F 32 33.95 -4.29 5.66
N HIS F 33 33.37 -3.25 5.06
CA HIS F 33 31.97 -2.90 5.27
C HIS F 33 31.21 -2.94 3.95
N GLY F 34 29.92 -3.16 4.04
CA GLY F 34 29.01 -2.92 2.93
C GLY F 34 28.50 -4.20 2.29
N TRP F 35 27.90 -4.02 1.12
CA TRP F 35 27.17 -5.07 0.42
C TRP F 35 27.41 -4.96 -1.07
N VAL F 36 27.52 -6.10 -1.74
CA VAL F 36 27.63 -6.16 -3.19
C VAL F 36 26.69 -7.23 -3.72
N LYS F 37 26.47 -7.19 -5.03
CA LYS F 37 25.77 -8.24 -5.75
C LYS F 37 26.80 -9.09 -6.49
N TYR F 38 26.66 -10.41 -6.39
CA TYR F 38 27.43 -11.33 -7.23
C TYR F 38 26.57 -11.92 -8.34
N GLY F 39 25.34 -11.43 -8.48
CA GLY F 39 24.46 -11.81 -9.57
C GLY F 39 23.30 -10.85 -9.61
N ARG F 40 22.50 -10.97 -10.67
CA ARG F 40 21.42 -10.02 -10.87
C ARG F 40 20.17 -10.34 -10.04
N ASP F 41 20.04 -11.57 -9.56
CA ASP F 41 18.84 -11.96 -8.81
C ASP F 41 18.78 -11.25 -7.46
N ASN F 42 17.55 -11.06 -6.97
CA ASN F 42 17.31 -10.35 -5.72
C ASN F 42 18.08 -10.96 -4.55
N VAL F 43 18.36 -12.26 -4.61
CA VAL F 43 18.94 -12.96 -3.47
C VAL F 43 20.47 -13.04 -3.52
N GLU F 44 21.10 -12.58 -4.60
CA GLU F 44 22.53 -12.77 -4.81
C GLU F 44 23.33 -11.60 -4.24
N TRP F 45 23.13 -11.36 -2.94
CA TRP F 45 23.89 -10.39 -2.18
C TRP F 45 25.00 -11.08 -1.41
N ALA F 46 26.07 -10.33 -1.15
CA ALA F 46 27.17 -10.82 -0.33
C ALA F 46 27.70 -9.72 0.56
N ALA F 47 27.96 -10.08 1.82
CA ALA F 47 28.82 -9.28 2.67
C ALA F 47 30.26 -9.68 2.43
N PRO F 48 31.22 -8.95 3.00
CA PRO F 48 32.62 -9.40 2.87
C PRO F 48 32.83 -10.83 3.32
N ASP F 49 32.14 -11.27 4.37
CA ASP F 49 32.20 -12.66 4.79
C ASP F 49 31.62 -13.62 3.77
N GLY F 50 30.87 -13.12 2.79
CA GLY F 50 30.39 -13.96 1.71
C GLY F 50 28.90 -13.83 1.45
N PRO F 51 28.37 -14.72 0.61
CA PRO F 51 26.95 -14.64 0.25
C PRO F 51 26.04 -14.77 1.47
N VAL F 52 24.85 -14.20 1.35
CA VAL F 52 23.83 -14.41 2.38
C VAL F 52 23.49 -15.90 2.43
N PRO F 53 23.41 -16.53 3.60
CA PRO F 53 23.28 -18.00 3.65
C PRO F 53 22.07 -18.57 2.92
N ASN F 54 21.00 -17.80 2.72
CA ASN F 54 19.82 -18.37 2.06
C ASN F 54 20.06 -18.68 0.59
N ASN F 55 21.25 -18.41 0.06
CA ASN F 55 21.60 -18.79 -1.31
C ASN F 55 23.10 -19.10 -1.34
N PRO F 56 23.50 -20.17 -0.67
CA PRO F 56 24.94 -20.40 -0.46
C PRO F 56 25.68 -20.67 -1.75
N GLN F 57 26.98 -20.38 -1.74
CA GLN F 57 27.86 -20.63 -2.88
C GLN F 57 29.01 -21.52 -2.44
N PRO F 58 29.80 -22.06 -3.38
CA PRO F 58 30.94 -22.89 -2.99
C PRO F 58 31.88 -22.16 -2.04
N SER F 59 32.63 -22.93 -1.26
CA SER F 59 33.50 -22.38 -0.23
C SER F 59 34.42 -21.31 -0.78
N SER F 60 34.46 -20.17 -0.08
CA SER F 60 35.31 -19.03 -0.40
C SER F 60 34.84 -18.23 -1.62
N ILE F 61 33.82 -18.71 -2.33
CA ILE F 61 33.31 -17.96 -3.48
C ILE F 61 32.52 -16.76 -3.00
N ALA F 62 32.67 -15.64 -3.71
CA ALA F 62 31.94 -14.41 -3.43
C ALA F 62 32.24 -13.89 -2.03
N THR F 63 33.46 -14.11 -1.56
CA THR F 63 33.96 -13.53 -0.32
C THR F 63 35.10 -12.57 -0.65
N LEU F 64 35.39 -11.67 0.29
CA LEU F 64 36.54 -10.78 0.14
C LEU F 64 37.81 -11.51 0.54
N VAL F 65 38.80 -11.50 -0.35
CA VAL F 65 40.08 -12.13 -0.07
C VAL F 65 41.21 -11.14 -0.36
N ALA F 66 42.37 -11.45 0.18
CA ALA F 66 43.61 -10.75 -0.15
C ALA F 66 44.38 -11.57 -1.17
N LYS F 67 44.79 -10.93 -2.26
CA LYS F 67 45.68 -11.54 -3.23
C LYS F 67 47.08 -10.95 -3.03
N ILE F 68 48.04 -11.81 -2.70
CA ILE F 68 49.43 -11.40 -2.54
C ILE F 68 50.28 -12.39 -3.31
N ALA F 69 51.01 -11.90 -4.33
CA ALA F 69 51.82 -12.76 -5.18
C ALA F 69 50.98 -13.85 -5.82
N ASN F 70 49.75 -13.51 -6.20
CA ASN F 70 48.79 -14.41 -6.82
C ASN F 70 48.32 -15.52 -5.88
N LYS F 71 48.71 -15.47 -4.61
CA LYS F 71 48.15 -16.35 -3.59
C LYS F 71 46.98 -15.65 -2.90
N LYS F 72 45.97 -16.43 -2.53
CA LYS F 72 44.74 -15.91 -1.96
C LYS F 72 44.66 -16.25 -0.48
N PHE F 73 44.29 -15.27 0.33
CA PHE F 73 44.09 -15.47 1.77
C PHE F 73 42.73 -14.92 2.18
N ALA F 74 42.11 -15.60 3.13
CA ALA F 74 40.79 -15.19 3.60
C ALA F 74 40.89 -13.86 4.34
N ILE F 75 39.87 -13.00 4.15
CA ILE F 75 39.77 -11.73 4.86
C ILE F 75 38.36 -11.59 5.41
N GLY F 76 37.37 -11.65 4.52
CA GLY F 76 35.99 -11.50 4.95
C GLY F 76 35.74 -10.14 5.54
N ASN F 77 34.92 -10.12 6.61
CA ASN F 77 34.62 -8.88 7.30
C ASN F 77 35.85 -8.21 7.90
N GLY F 78 36.91 -8.96 8.15
CA GLY F 78 38.16 -8.36 8.58
C GLY F 78 39.06 -9.36 9.27
N VAL F 79 40.27 -8.88 9.57
CA VAL F 79 41.27 -9.65 10.30
C VAL F 79 42.08 -8.68 11.16
N LEU F 80 42.61 -9.20 12.27
CA LEU F 80 43.36 -8.39 13.23
C LEU F 80 44.76 -8.95 13.41
N HIS F 81 45.77 -8.12 13.13
CA HIS F 81 47.17 -8.41 13.45
C HIS F 81 47.59 -9.78 12.92
N LYS F 82 47.35 -10.00 11.63
CA LYS F 82 47.71 -11.28 11.00
C LYS F 82 49.05 -11.15 10.28
N THR F 83 49.81 -12.23 10.29
CA THR F 83 51.15 -12.26 9.71
C THR F 83 51.07 -12.53 8.22
N VAL F 84 51.78 -11.73 7.44
CA VAL F 84 51.84 -11.91 5.99
C VAL F 84 52.83 -13.02 5.67
N PRO F 85 52.45 -14.06 4.92
CA PRO F 85 53.39 -15.16 4.64
C PRO F 85 54.23 -15.01 3.39
N VAL F 86 53.93 -14.06 2.50
CA VAL F 86 54.69 -13.89 1.26
C VAL F 86 54.82 -12.41 0.91
N ASP F 87 55.86 -12.09 0.16
CA ASP F 87 56.04 -10.73 -0.35
C ASP F 87 55.06 -10.44 -1.48
N GLY F 88 54.55 -9.22 -1.50
CA GLY F 88 53.80 -8.76 -2.66
C GLY F 88 52.94 -7.57 -2.32
N GLU F 89 52.49 -6.90 -3.38
CA GLU F 89 51.48 -5.86 -3.21
C GLU F 89 50.18 -6.48 -2.74
N LEU F 90 49.51 -5.81 -1.81
CA LEU F 90 48.21 -6.26 -1.36
C LEU F 90 47.16 -5.91 -2.41
N ILE F 91 46.53 -6.92 -2.98
CA ILE F 91 45.39 -6.76 -3.86
C ILE F 91 44.17 -7.30 -3.12
N LEU F 92 43.10 -6.52 -3.07
CA LEU F 92 41.85 -6.95 -2.48
C LEU F 92 40.92 -7.38 -3.61
N LEU F 93 40.29 -8.53 -3.42
CA LEU F 93 39.55 -9.19 -4.49
C LEU F 93 38.23 -9.71 -3.97
N PHE F 94 37.15 -9.43 -4.69
CA PHE F 94 35.89 -10.13 -4.50
C PHE F 94 36.01 -11.46 -5.25
N ASN F 95 36.13 -12.55 -4.49
CA ASN F 95 36.56 -13.84 -5.04
C ASN F 95 35.37 -14.57 -5.66
N ASP F 96 34.87 -14.01 -6.76
CA ASP F 96 33.82 -14.66 -7.52
C ASP F 96 34.43 -15.73 -8.43
N VAL F 97 33.56 -16.57 -8.98
CA VAL F 97 34.04 -17.62 -9.90
C VAL F 97 34.58 -16.95 -11.17
N PRO F 98 35.74 -17.37 -11.67
CA PRO F 98 36.26 -16.76 -12.90
C PRO F 98 35.22 -16.76 -14.02
N GLY F 99 35.20 -15.69 -14.79
CA GLY F 99 34.30 -15.56 -15.91
C GLY F 99 32.88 -15.14 -15.57
N THR F 100 32.55 -14.98 -14.28
CA THR F 100 31.20 -14.65 -13.85
C THR F 100 31.13 -13.31 -13.14
N PHE F 101 32.10 -12.42 -13.35
CA PHE F 101 32.07 -11.10 -12.76
C PHE F 101 31.16 -10.13 -13.50
N GLY F 102 30.66 -10.51 -14.68
CA GLY F 102 29.89 -9.60 -15.50
C GLY F 102 28.55 -9.21 -14.92
N ASP F 103 27.97 -10.03 -14.04
CA ASP F 103 26.68 -9.74 -13.43
C ASP F 103 26.82 -9.24 -12.00
N ASN F 104 28.01 -8.79 -11.61
CA ASN F 104 28.25 -8.26 -10.28
C ASN F 104 28.05 -6.74 -10.27
N SER F 105 27.85 -6.20 -9.08
CA SER F 105 27.70 -4.76 -8.93
C SER F 105 27.89 -4.40 -7.46
N GLY F 106 28.14 -3.10 -7.22
CA GLY F 106 28.41 -2.61 -5.90
C GLY F 106 29.87 -2.81 -5.51
N GLU F 107 30.20 -2.35 -4.31
CA GLU F 107 31.56 -2.48 -3.80
C GLU F 107 31.54 -2.46 -2.28
N PHE F 108 32.60 -3.00 -1.70
CA PHE F 108 32.84 -2.91 -0.27
C PHE F 108 33.72 -1.70 0.02
N GLN F 109 33.54 -1.14 1.22
CA GLN F 109 34.42 -0.10 1.74
C GLN F 109 35.38 -0.76 2.73
N VAL F 110 36.67 -0.71 2.42
CA VAL F 110 37.68 -1.47 3.15
C VAL F 110 38.73 -0.53 3.73
N GLU F 111 39.24 -0.87 4.90
CA GLU F 111 40.34 -0.17 5.54
C GLU F 111 41.44 -1.18 5.85
N VAL F 112 42.68 -0.78 5.60
CA VAL F 112 43.84 -1.62 5.86
C VAL F 112 44.85 -0.84 6.71
N ILE F 113 45.42 -1.50 7.70
CA ILE F 113 46.48 -0.94 8.52
C ILE F 113 47.63 -1.93 8.52
N ILE F 114 48.83 -1.45 8.22
CA ILE F 114 50.04 -2.25 8.41
C ILE F 114 50.46 -2.08 9.88
N GLU F 115 50.23 -3.13 10.67
CA GLU F 115 50.46 -3.04 12.11
C GLU F 115 51.95 -3.00 12.42
N SER F 116 52.76 -3.72 11.65
CA SER F 116 54.21 -3.67 11.85
C SER F 116 54.91 -4.21 10.61
N ARG F 117 56.15 -3.77 10.45
CA ARG F 117 57.05 -4.28 9.43
C ARG F 117 58.02 -5.28 10.06
N TYR F 118 58.30 -6.36 9.34
CA TYR F 118 59.07 -7.46 9.91
C TYR F 118 60.43 -6.98 10.43
N SER F 119 60.70 -7.30 11.69
CA SER F 119 62.01 -7.15 12.30
C SER F 119 62.13 -8.16 13.43
N PRO F 120 63.08 -9.09 13.40
CA PRO F 120 63.14 -10.12 14.44
C PRO F 120 63.97 -9.71 15.64
N LEU F 121 63.62 -10.27 16.78
CA LEU F 121 64.54 -10.28 17.91
C LEU F 121 65.85 -10.90 17.47
N LYS F 122 66.95 -10.18 17.69
CA LYS F 122 68.27 -10.65 17.30
C LYS F 122 69.12 -10.90 18.53
N SER G 2 -9.33 16.04 4.12
CA SER G 2 -9.55 14.63 4.45
C SER G 2 -10.91 14.18 3.92
N ASP G 3 -11.25 12.91 4.12
CA ASP G 3 -12.56 12.44 3.67
C ASP G 3 -13.67 12.91 4.59
N TRP G 4 -13.38 13.07 5.89
CA TRP G 4 -14.33 13.67 6.82
C TRP G 4 -13.56 14.15 8.04
N SER G 5 -13.84 15.38 8.46
CA SER G 5 -13.38 15.88 9.74
C SER G 5 -14.55 16.56 10.43
N GLY G 6 -14.59 16.42 11.75
CA GLY G 6 -15.67 17.02 12.52
C GLY G 6 -15.50 16.68 13.98
N SER G 7 -16.49 17.09 14.76
CA SER G 7 -16.47 16.90 16.20
C SER G 7 -17.36 15.72 16.59
N VAL G 8 -16.92 14.98 17.60
CA VAL G 8 -17.66 13.84 18.14
C VAL G 8 -18.08 14.22 19.55
N PRO G 9 -19.35 14.58 19.79
CA PRO G 9 -19.76 14.95 21.15
C PRO G 9 -19.80 13.73 22.07
N ALA G 10 -19.25 13.91 23.27
CA ALA G 10 -19.29 12.84 24.27
C ALA G 10 -20.70 12.60 24.78
N ASN G 11 -21.62 13.55 24.58
CA ASN G 11 -23.00 13.42 25.03
C ASN G 11 -23.91 12.76 24.00
N ALA G 12 -23.41 12.47 22.80
CA ALA G 12 -24.24 11.94 21.72
C ALA G 12 -24.31 10.42 21.87
N GLU G 13 -25.40 9.93 22.48
CA GLU G 13 -25.52 8.50 22.73
C GLU G 13 -25.53 7.70 21.43
N ASN G 14 -26.01 8.30 20.34
CA ASN G 14 -26.02 7.65 19.03
C ASN G 14 -24.81 8.00 18.19
N GLY G 15 -23.82 8.69 18.76
CA GLY G 15 -22.60 8.99 18.04
C GLY G 15 -22.80 10.07 16.98
N LYS G 16 -21.78 10.20 16.13
CA LYS G 16 -21.74 11.20 15.08
C LYS G 16 -21.67 10.50 13.73
N SER G 17 -22.57 10.87 12.82
CA SER G 17 -22.56 10.33 11.47
C SER G 17 -21.51 11.06 10.63
N THR G 18 -20.69 10.29 9.91
CA THR G 18 -19.70 10.85 9.02
C THR G 18 -20.19 10.98 7.59
N GLY G 19 -21.28 10.30 7.24
CA GLY G 19 -21.71 10.23 5.86
C GLY G 19 -20.83 9.38 4.97
N LEU G 20 -19.84 8.69 5.53
CA LEU G 20 -18.96 7.82 4.76
C LEU G 20 -19.53 6.41 4.72
N ILE G 21 -19.72 5.88 3.52
CA ILE G 21 -20.23 4.54 3.32
C ILE G 21 -19.04 3.64 2.97
N LEU G 22 -18.74 2.70 3.85
CA LEU G 22 -17.57 1.85 3.71
C LEU G 22 -17.96 0.47 3.21
N LYS G 23 -17.04 -0.14 2.49
CA LYS G 23 -17.18 -1.51 2.00
C LYS G 23 -16.07 -2.36 2.62
N GLN G 24 -16.40 -3.61 2.92
CA GLN G 24 -15.38 -4.56 3.34
C GLN G 24 -14.22 -4.53 2.36
N GLY G 25 -13.02 -4.39 2.90
CA GLY G 25 -11.82 -4.29 2.09
C GLY G 25 -11.30 -2.89 1.88
N ASP G 26 -12.11 -1.87 2.12
CA ASP G 26 -11.57 -0.52 2.19
C ASP G 26 -10.52 -0.45 3.30
N THR G 27 -9.65 0.54 3.22
CA THR G 27 -8.74 0.84 4.30
C THR G 27 -8.90 2.31 4.70
N ILE G 28 -8.79 2.56 6.00
CA ILE G 28 -9.02 3.90 6.55
C ILE G 28 -7.93 4.24 7.56
N SER G 29 -7.76 5.53 7.76
CA SER G 29 -6.93 6.07 8.83
C SER G 29 -7.73 7.10 9.60
N VAL G 30 -7.49 7.17 10.91
CA VAL G 30 -8.22 8.05 11.81
C VAL G 30 -7.23 8.65 12.80
N VAL G 31 -7.37 9.94 13.06
CA VAL G 31 -6.75 10.56 14.23
C VAL G 31 -7.83 11.33 14.99
N ALA G 32 -7.69 11.35 16.32
CA ALA G 32 -8.66 11.99 17.19
C ALA G 32 -7.93 12.81 18.23
N HIS G 33 -8.38 14.04 18.45
CA HIS G 33 -7.78 14.94 19.40
C HIS G 33 -8.82 15.40 20.42
N GLY G 34 -8.33 15.80 21.58
CA GLY G 34 -9.11 16.58 22.51
C GLY G 34 -9.51 15.81 23.75
N TRP G 35 -10.43 16.42 24.50
CA TRP G 35 -10.75 16.01 25.86
C TRP G 35 -12.24 16.10 26.06
N VAL G 36 -12.81 15.08 26.73
CA VAL G 36 -14.22 15.09 27.10
C VAL G 36 -14.35 14.67 28.56
N LYS G 37 -15.52 14.93 29.10
CA LYS G 37 -15.91 14.44 30.40
C LYS G 37 -16.94 13.33 30.22
N TYR G 38 -16.77 12.24 30.95
CA TYR G 38 -17.78 11.18 31.01
C TYR G 38 -18.53 11.18 32.32
N GLY G 39 -18.28 12.16 33.18
CA GLY G 39 -19.02 12.35 34.41
C GLY G 39 -18.65 13.68 35.00
N ARG G 40 -19.46 14.14 35.96
CA ARG G 40 -19.29 15.48 36.51
C ARG G 40 -18.10 15.60 37.45
N ASP G 41 -17.56 14.48 37.93
CA ASP G 41 -16.46 14.54 38.89
C ASP G 41 -15.21 15.08 38.20
N ASN G 42 -14.41 15.82 38.98
CA ASN G 42 -13.23 16.47 38.42
C ASN G 42 -12.25 15.48 37.79
N VAL G 43 -12.35 14.20 38.16
CA VAL G 43 -11.44 13.17 37.68
C VAL G 43 -11.92 12.51 36.39
N GLU G 44 -13.18 12.70 36.00
CA GLU G 44 -13.80 11.88 34.97
C GLU G 44 -13.56 12.47 33.58
N TRP G 45 -12.27 12.61 33.25
CA TRP G 45 -11.83 13.02 31.93
C TRP G 45 -11.46 11.80 31.10
N ALA G 46 -11.56 11.96 29.78
CA ALA G 46 -11.14 10.91 28.86
C ALA G 46 -10.51 11.53 27.63
N ALA G 47 -9.41 10.94 27.19
CA ALA G 47 -8.92 11.10 25.83
C ALA G 47 -9.62 10.09 24.94
N PRO G 48 -9.47 10.20 23.62
CA PRO G 48 -10.06 9.16 22.77
C PRO G 48 -9.63 7.76 23.16
N ASP G 49 -8.40 7.60 23.65
CA ASP G 49 -7.93 6.29 24.11
C ASP G 49 -8.70 5.79 25.33
N GLY G 50 -9.38 6.66 26.07
CA GLY G 50 -10.18 6.24 27.19
C GLY G 50 -9.98 7.10 28.43
N PRO G 51 -10.54 6.64 29.54
CA PRO G 51 -10.44 7.41 30.79
C PRO G 51 -9.00 7.61 31.22
N VAL G 52 -8.75 8.73 31.91
CA VAL G 52 -7.42 8.91 32.51
C VAL G 52 -7.17 7.76 33.47
N PRO G 53 -5.98 7.16 33.49
CA PRO G 53 -5.79 5.92 34.26
C PRO G 53 -5.99 6.07 35.76
N ASN G 54 -6.09 7.28 36.30
CA ASN G 54 -6.34 7.43 37.73
C ASN G 54 -7.80 7.18 38.11
N ASN G 55 -8.62 6.73 37.17
CA ASN G 55 -10.01 6.40 37.47
C ASN G 55 -10.54 5.44 36.40
N PRO G 56 -10.00 4.23 36.32
CA PRO G 56 -10.33 3.35 35.20
C PRO G 56 -11.81 3.00 35.16
N GLN G 57 -12.27 2.64 33.97
CA GLN G 57 -13.64 2.23 33.72
C GLN G 57 -13.63 0.90 33.00
N PRO G 58 -14.78 0.24 32.89
CA PRO G 58 -14.82 -1.11 32.31
C PRO G 58 -14.30 -1.13 30.88
N SER G 59 -14.05 -2.35 30.41
CA SER G 59 -13.43 -2.60 29.12
C SER G 59 -14.11 -1.80 28.00
N SER G 60 -13.34 -0.94 27.35
CA SER G 60 -13.72 -0.17 26.17
C SER G 60 -14.70 0.96 26.48
N ILE G 61 -15.09 1.17 27.73
CA ILE G 61 -16.04 2.21 28.07
C ILE G 61 -15.33 3.56 28.05
N ALA G 62 -16.05 4.60 27.62
CA ALA G 62 -15.52 5.96 27.57
C ALA G 62 -14.31 6.06 26.65
N THR G 63 -14.30 5.26 25.59
CA THR G 63 -13.30 5.35 24.54
C THR G 63 -13.98 5.67 23.22
N LEU G 64 -13.22 6.26 22.30
CA LEU G 64 -13.73 6.54 20.97
C LEU G 64 -13.74 5.26 20.13
N VAL G 65 -14.90 4.91 19.58
CA VAL G 65 -15.04 3.72 18.76
C VAL G 65 -15.67 4.08 17.42
N ALA G 66 -15.54 3.16 16.48
CA ALA G 66 -16.18 3.24 15.18
C ALA G 66 -17.31 2.23 15.12
N LYS G 67 -18.52 2.70 14.81
CA LYS G 67 -19.63 1.81 14.52
C LYS G 67 -19.82 1.72 13.00
N ILE G 68 -19.71 0.50 12.48
CA ILE G 68 -19.92 0.23 11.06
C ILE G 68 -21.00 -0.83 10.97
N ALA G 69 -22.22 -0.42 10.59
CA ALA G 69 -23.34 -1.35 10.46
C ALA G 69 -23.65 -2.05 11.77
N ASN G 70 -23.58 -1.32 12.88
CA ASN G 70 -23.82 -1.87 14.21
C ASN G 70 -22.84 -2.99 14.55
N LYS G 71 -21.64 -2.93 13.97
CA LYS G 71 -20.47 -3.56 14.54
C LYS G 71 -19.58 -2.45 15.10
N LYS G 72 -18.87 -2.75 16.18
CA LYS G 72 -18.14 -1.74 16.93
C LYS G 72 -16.66 -2.09 16.95
N PHE G 73 -15.82 -1.11 16.60
CA PHE G 73 -14.38 -1.32 16.49
C PHE G 73 -13.65 -0.25 17.29
N ALA G 74 -12.51 -0.64 17.86
CA ALA G 74 -11.70 0.29 18.62
C ALA G 74 -11.00 1.28 17.71
N ILE G 75 -10.97 2.54 18.14
CA ILE G 75 -10.24 3.59 17.42
C ILE G 75 -9.30 4.26 18.39
N GLY G 76 -9.84 4.78 19.49
CA GLY G 76 -9.03 5.51 20.44
C GLY G 76 -8.43 6.74 19.80
N ASN G 77 -7.15 7.01 20.12
CA ASN G 77 -6.48 8.17 19.57
C ASN G 77 -6.29 8.08 18.06
N GLY G 78 -6.35 6.89 17.48
CA GLY G 78 -6.37 6.77 16.04
C GLY G 78 -5.85 5.42 15.57
N VAL G 79 -5.97 5.22 14.26
CA VAL G 79 -5.48 4.02 13.59
C VAL G 79 -4.94 4.42 12.22
N LEU G 80 -4.00 3.64 11.71
CA LEU G 80 -3.36 3.90 10.42
C LEU G 80 -3.62 2.73 9.48
N HIS G 81 -4.24 3.01 8.34
CA HIS G 81 -4.32 2.06 7.23
C HIS G 81 -4.88 0.72 7.67
N LYS G 82 -6.04 0.74 8.32
CA LYS G 82 -6.70 -0.48 8.79
C LYS G 82 -7.75 -0.91 7.78
N THR G 83 -7.86 -2.23 7.59
CA THR G 83 -8.85 -2.78 6.67
C THR G 83 -10.22 -2.81 7.34
N VAL G 84 -11.22 -2.34 6.59
CA VAL G 84 -12.61 -2.36 7.04
C VAL G 84 -13.15 -3.77 6.88
N PRO G 85 -13.58 -4.45 7.94
CA PRO G 85 -14.03 -5.84 7.79
C PRO G 85 -15.51 -6.05 7.48
N VAL G 86 -16.34 -5.00 7.41
CA VAL G 86 -17.74 -5.16 7.04
C VAL G 86 -18.19 -3.93 6.25
N ASP G 87 -19.22 -4.13 5.42
CA ASP G 87 -19.89 -3.01 4.79
C ASP G 87 -20.72 -2.24 5.83
N GLY G 88 -20.86 -0.96 5.61
CA GLY G 88 -21.75 -0.15 6.43
C GLY G 88 -21.31 1.30 6.49
N GLU G 89 -22.22 2.14 6.96
CA GLU G 89 -21.91 3.53 7.21
C GLU G 89 -21.02 3.66 8.44
N LEU G 90 -20.06 4.59 8.37
CA LEU G 90 -19.18 4.86 9.50
C LEU G 90 -19.83 5.87 10.44
N ILE G 91 -20.10 5.43 11.66
CA ILE G 91 -20.50 6.31 12.76
C ILE G 91 -19.38 6.32 13.78
N LEU G 92 -19.02 7.50 14.27
CA LEU G 92 -18.07 7.64 15.36
C LEU G 92 -18.83 7.86 16.66
N LEU G 93 -18.41 7.17 17.72
CA LEU G 93 -19.16 7.10 18.96
C LEU G 93 -18.23 7.16 20.15
N PHE G 94 -18.55 8.03 21.11
CA PHE G 94 -17.94 7.96 22.43
C PHE G 94 -18.65 6.85 23.21
N ASN G 95 -17.94 5.77 23.49
CA ASN G 95 -18.55 4.51 23.90
C ASN G 95 -18.81 4.48 25.41
N ASP G 96 -19.67 5.39 25.86
CA ASP G 96 -20.07 5.40 27.26
C ASP G 96 -21.13 4.32 27.50
N VAL G 97 -21.40 4.06 28.77
CA VAL G 97 -22.43 3.05 29.10
C VAL G 97 -23.80 3.59 28.70
N PRO G 98 -24.65 2.81 28.05
CA PRO G 98 -25.98 3.31 27.69
C PRO G 98 -26.73 3.84 28.90
N GLY G 99 -27.32 5.02 28.75
CA GLY G 99 -28.04 5.67 29.82
C GLY G 99 -27.20 6.56 30.71
N THR G 100 -25.88 6.62 30.49
CA THR G 100 -24.99 7.42 31.31
C THR G 100 -24.40 8.59 30.56
N PHE G 101 -24.99 8.97 29.42
CA PHE G 101 -24.44 10.04 28.60
C PHE G 101 -24.82 11.42 29.10
N GLY G 102 -25.81 11.53 29.99
CA GLY G 102 -26.31 12.81 30.43
C GLY G 102 -25.33 13.65 31.22
N ASP G 103 -24.33 13.02 31.84
CA ASP G 103 -23.31 13.75 32.57
C ASP G 103 -22.03 13.93 31.77
N ASN G 104 -22.09 13.71 30.45
CA ASN G 104 -20.94 13.89 29.57
C ASN G 104 -20.94 15.29 28.98
N SER G 105 -19.75 15.78 28.67
CA SER G 105 -19.62 17.08 28.01
C SER G 105 -18.31 17.11 27.23
N GLY G 106 -18.22 18.09 26.33
CA GLY G 106 -17.06 18.23 25.47
C GLY G 106 -17.18 17.38 24.22
N GLU G 107 -16.14 17.47 23.39
CA GLU G 107 -16.13 16.79 22.11
C GLU G 107 -14.70 16.59 21.65
N PHE G 108 -14.51 15.53 20.86
CA PHE G 108 -13.23 15.29 20.20
C PHE G 108 -13.25 15.90 18.81
N GLN G 109 -12.07 16.25 18.31
CA GLN G 109 -11.89 16.64 16.92
C GLN G 109 -11.23 15.49 16.19
N VAL G 110 -11.91 14.96 15.18
CA VAL G 110 -11.51 13.72 14.53
C VAL G 110 -11.35 13.96 13.03
N GLU G 111 -10.34 13.33 12.43
CA GLU G 111 -10.16 13.30 10.99
C GLU G 111 -10.18 11.85 10.53
N VAL G 112 -10.90 11.59 9.45
CA VAL G 112 -10.95 10.27 8.83
C VAL G 112 -10.49 10.40 7.38
N ILE G 113 -9.58 9.51 6.97
CA ILE G 113 -9.17 9.38 5.58
C ILE G 113 -9.48 7.97 5.13
N ILE G 114 -10.19 7.84 4.01
CA ILE G 114 -10.32 6.55 3.35
C ILE G 114 -9.07 6.37 2.50
N GLU G 115 -8.15 5.52 2.96
CA GLU G 115 -6.88 5.36 2.27
C GLU G 115 -7.04 4.63 0.94
N SER G 116 -8.05 3.77 0.83
CA SER G 116 -8.26 3.05 -0.42
C SER G 116 -9.63 2.40 -0.41
N ARG G 117 -10.17 2.22 -1.61
CA ARG G 117 -11.44 1.52 -1.81
C ARG G 117 -11.14 0.13 -2.37
N TYR G 118 -11.82 -0.88 -1.82
CA TYR G 118 -11.47 -2.26 -2.12
C TYR G 118 -11.45 -2.53 -3.61
N SER G 119 -10.30 -2.95 -4.10
CA SER G 119 -10.15 -3.45 -5.46
C SER G 119 -9.08 -4.53 -5.44
N PRO G 120 -9.42 -5.80 -5.65
CA PRO G 120 -8.40 -6.85 -5.59
C PRO G 120 -7.65 -7.03 -6.89
N LEU G 121 -6.40 -7.48 -6.76
CA LEU G 121 -5.70 -8.04 -7.91
C LEU G 121 -6.57 -9.14 -8.52
N LYS G 122 -6.64 -9.15 -9.85
CA LYS G 122 -7.53 -10.05 -10.57
C LYS G 122 -6.77 -10.82 -11.64
N SER H 2 43.96 -12.74 21.69
CA SER H 2 43.22 -11.48 21.74
C SER H 2 42.82 -11.13 23.17
N ASP H 3 42.30 -9.92 23.37
CA ASP H 3 41.81 -9.54 24.69
C ASP H 3 40.47 -10.19 24.99
N TRP H 4 39.63 -10.38 23.98
CA TRP H 4 38.39 -11.12 24.14
C TRP H 4 37.93 -11.62 22.78
N SER H 5 37.42 -12.85 22.75
CA SER H 5 36.81 -13.39 21.54
C SER H 5 35.73 -14.37 21.95
N GLY H 6 34.55 -14.21 21.37
CA GLY H 6 33.43 -15.05 21.71
C GLY H 6 32.26 -14.81 20.78
N SER H 7 31.13 -15.40 21.13
CA SER H 7 29.92 -15.32 20.33
C SER H 7 28.97 -14.28 20.90
N VAL H 8 28.34 -13.52 20.01
CA VAL H 8 27.34 -12.53 20.41
C VAL H 8 25.98 -12.98 19.90
N PRO H 9 25.11 -13.52 20.76
CA PRO H 9 23.82 -14.02 20.28
C PRO H 9 22.91 -12.91 19.80
N ALA H 10 22.14 -13.19 18.74
CA ALA H 10 21.21 -12.22 18.20
C ALA H 10 20.03 -11.99 19.12
N ASN H 11 19.58 -13.03 19.82
CA ASN H 11 18.39 -12.96 20.66
C ASN H 11 18.69 -12.49 22.08
N ALA H 12 19.88 -11.95 22.33
CA ALA H 12 20.23 -11.42 23.66
C ALA H 12 19.91 -9.93 23.66
N GLU H 13 18.77 -9.58 24.27
CA GLU H 13 18.36 -8.18 24.35
C GLU H 13 19.37 -7.33 25.12
N ASN H 14 20.04 -7.93 26.10
CA ASN H 14 21.06 -7.22 26.87
C ASN H 14 22.45 -7.36 26.28
N GLY H 15 22.62 -8.10 25.20
CA GLY H 15 23.92 -8.25 24.58
C GLY H 15 24.82 -9.18 25.36
N LYS H 16 26.08 -9.21 24.94
CA LYS H 16 27.09 -10.09 25.51
C LYS H 16 28.10 -9.24 26.28
N SER H 17 28.28 -9.55 27.56
CA SER H 17 29.31 -8.92 28.36
C SER H 17 30.67 -9.50 28.00
N THR H 18 31.67 -8.63 27.90
CA THR H 18 33.02 -9.06 27.55
C THR H 18 33.96 -9.15 28.75
N GLY H 19 33.65 -8.45 29.83
CA GLY H 19 34.58 -8.36 30.95
C GLY H 19 35.71 -7.38 30.75
N LEU H 20 35.77 -6.69 29.62
CA LEU H 20 36.80 -5.69 29.36
C LEU H 20 36.30 -4.34 29.87
N ILE H 21 36.95 -3.81 30.90
CA ILE H 21 36.62 -2.51 31.48
C ILE H 21 37.44 -1.47 30.74
N LEU H 22 36.76 -0.60 29.98
CA LEU H 22 37.43 0.40 29.17
C LEU H 22 37.36 1.76 29.84
N LYS H 23 38.45 2.52 29.68
CA LYS H 23 38.58 3.87 30.21
C LYS H 23 38.78 4.85 29.07
N GLN H 24 38.39 6.10 29.31
CA GLN H 24 38.59 7.13 28.31
C GLN H 24 40.04 7.16 27.84
N GLY H 25 40.22 7.23 26.52
CA GLY H 25 41.53 7.30 25.94
C GLY H 25 42.13 5.96 25.55
N ASP H 26 41.59 4.85 26.06
CA ASP H 26 41.97 3.56 25.52
C ASP H 26 41.64 3.51 24.03
N THR H 27 42.33 2.63 23.31
CA THR H 27 42.04 2.40 21.90
C THR H 27 41.80 0.91 21.69
N ILE H 28 40.76 0.60 20.89
CA ILE H 28 40.34 -0.78 20.67
C ILE H 28 40.22 -1.04 19.18
N SER H 29 40.26 -2.33 18.82
CA SER H 29 39.92 -2.80 17.50
C SER H 29 38.99 -4.00 17.63
N VAL H 30 38.06 -4.13 16.67
CA VAL H 30 37.05 -5.16 16.69
C VAL H 30 36.83 -5.67 15.28
N VAL H 31 36.67 -6.98 15.14
CA VAL H 31 36.17 -7.60 13.91
C VAL H 31 35.06 -8.56 14.27
N ALA H 32 34.05 -8.64 13.41
CA ALA H 32 32.88 -9.48 13.65
C ALA H 32 32.58 -10.29 12.40
N HIS H 33 32.39 -11.59 12.57
CA HIS H 33 32.09 -12.50 11.48
C HIS H 33 30.75 -13.17 11.70
N GLY H 34 30.16 -13.61 10.60
CA GLY H 34 29.02 -14.50 10.66
C GLY H 34 27.70 -13.84 10.32
N TRP H 35 26.64 -14.57 10.60
CA TRP H 35 25.29 -14.26 10.15
C TRP H 35 24.32 -14.56 11.28
N VAL H 36 23.27 -13.75 11.39
CA VAL H 36 22.18 -14.01 12.32
C VAL H 36 20.87 -13.73 11.63
N LYS H 37 19.79 -14.18 12.27
CA LYS H 37 18.43 -13.88 11.88
C LYS H 37 17.84 -12.90 12.88
N TYR H 38 17.20 -11.84 12.38
CA TYR H 38 16.41 -10.95 13.21
C TYR H 38 14.91 -11.16 12.98
N GLY H 39 14.55 -12.31 12.45
CA GLY H 39 13.16 -12.67 12.24
C GLY H 39 13.09 -14.02 11.57
N ARG H 40 11.88 -14.59 11.55
CA ARG H 40 11.72 -15.96 11.08
C ARG H 40 11.67 -16.08 9.56
N ASP H 41 11.46 -14.98 8.84
CA ASP H 41 11.36 -15.06 7.39
C ASP H 41 12.73 -15.33 6.77
N ASN H 42 12.74 -16.11 5.69
CA ASN H 42 13.96 -16.43 4.98
C ASN H 42 14.73 -15.19 4.55
N VAL H 43 14.07 -14.02 4.54
CA VAL H 43 14.70 -12.77 4.11
C VAL H 43 15.36 -12.00 5.24
N GLU H 44 15.07 -12.33 6.49
CA GLU H 44 15.48 -11.50 7.62
C GLU H 44 16.87 -11.87 8.13
N TRP H 45 17.83 -11.85 7.22
CA TRP H 45 19.23 -12.10 7.54
C TRP H 45 19.96 -10.78 7.79
N ALA H 46 20.97 -10.84 8.67
CA ALA H 46 21.79 -9.66 8.95
C ALA H 46 23.24 -10.08 9.12
N ALA H 47 24.13 -9.32 8.48
CA ALA H 47 25.54 -9.33 8.83
C ALA H 47 25.72 -8.40 10.01
N PRO H 48 26.93 -8.33 10.58
CA PRO H 48 27.17 -7.33 11.64
C PRO H 48 26.95 -5.91 11.15
N ASP H 49 27.28 -5.61 9.90
CA ASP H 49 27.03 -4.29 9.33
C ASP H 49 25.54 -3.98 9.27
N GLY H 50 24.68 -4.99 9.31
CA GLY H 50 23.25 -4.77 9.33
C GLY H 50 22.46 -5.71 8.44
N PRO H 51 21.18 -5.42 8.27
CA PRO H 51 20.33 -6.28 7.43
C PRO H 51 20.75 -6.25 5.97
N VAL H 52 20.41 -7.33 5.27
CA VAL H 52 20.67 -7.37 3.82
C VAL H 52 19.85 -6.27 3.15
N PRO H 53 20.43 -5.45 2.27
CA PRO H 53 19.70 -4.26 1.79
C PRO H 53 18.39 -4.55 1.07
N ASN H 54 18.09 -5.79 0.73
CA ASN H 54 16.81 -6.10 0.10
C ASN H 54 15.66 -6.25 1.10
N ASN H 55 15.91 -5.99 2.39
CA ASN H 55 14.84 -5.93 3.38
C ASN H 55 15.22 -4.92 4.45
N PRO H 56 15.33 -3.64 4.09
CA PRO H 56 15.96 -2.67 4.99
C PRO H 56 15.18 -2.47 6.29
N GLN H 57 15.91 -2.10 7.33
CA GLN H 57 15.33 -1.72 8.61
C GLN H 57 15.76 -0.29 8.94
N PRO H 58 15.17 0.36 9.93
CA PRO H 58 15.60 1.71 10.28
C PRO H 58 17.10 1.75 10.62
N SER H 59 17.63 2.96 10.65
CA SER H 59 19.07 3.15 10.82
C SER H 59 19.55 2.58 12.15
N SER H 60 20.66 1.85 12.10
CA SER H 60 21.36 1.23 13.23
C SER H 60 20.65 -0.02 13.74
N ILE H 61 19.45 -0.34 13.26
CA ILE H 61 18.71 -1.49 13.76
C ILE H 61 19.27 -2.77 13.15
N ALA H 62 19.39 -3.81 13.98
CA ALA H 62 19.89 -5.11 13.56
C ALA H 62 21.33 -5.02 13.06
N THR H 63 22.11 -4.16 13.70
CA THR H 63 23.54 -4.08 13.48
C THR H 63 24.26 -4.42 14.78
N LEU H 64 25.55 -4.73 14.67
CA LEU H 64 26.37 -4.95 15.84
C LEU H 64 26.87 -3.60 16.37
N VAL H 65 26.66 -3.35 17.65
CA VAL H 65 27.09 -2.12 18.30
C VAL H 65 27.80 -2.48 19.59
N ALA H 66 28.53 -1.49 20.11
CA ALA H 66 29.16 -1.59 21.42
C ALA H 66 28.44 -0.67 22.40
N LYS H 67 27.98 -1.23 23.52
CA LYS H 67 27.41 -0.45 24.60
C LYS H 67 28.49 -0.26 25.67
N ILE H 68 28.75 1.00 26.02
CA ILE H 68 29.67 1.34 27.10
C ILE H 68 29.02 2.44 27.91
N ALA H 69 28.75 2.16 29.19
CA ALA H 69 28.15 3.15 30.08
C ALA H 69 26.85 3.70 29.50
N ASN H 70 25.97 2.78 29.11
CA ASN H 70 24.63 3.14 28.64
C ASN H 70 24.67 4.00 27.39
N LYS H 71 25.70 3.85 26.57
CA LYS H 71 25.79 4.57 25.31
C LYS H 71 26.25 3.63 24.21
N LYS H 72 25.57 3.68 23.07
CA LYS H 72 25.82 2.78 21.95
C LYS H 72 26.80 3.41 20.98
N PHE H 73 27.70 2.59 20.44
CA PHE H 73 28.67 3.01 19.44
C PHE H 73 28.63 2.05 18.27
N ALA H 74 28.81 2.59 17.06
CA ALA H 74 28.79 1.77 15.86
C ALA H 74 30.00 0.85 15.82
N ILE H 75 29.75 -0.42 15.47
CA ILE H 75 30.82 -1.39 15.28
C ILE H 75 30.64 -2.05 13.92
N GLY H 76 29.50 -2.69 13.73
CA GLY H 76 29.26 -3.41 12.50
C GLY H 76 30.30 -4.48 12.29
N ASN H 77 30.69 -4.68 11.03
CA ASN H 77 31.69 -5.68 10.70
C ASN H 77 33.00 -5.48 11.45
N GLY H 78 33.31 -4.25 11.87
CA GLY H 78 34.50 -4.03 12.67
C GLY H 78 34.98 -2.60 12.61
N VAL H 79 35.93 -2.30 13.50
CA VAL H 79 36.58 -1.00 13.60
C VAL H 79 38.03 -1.20 14.00
N LEU H 80 38.89 -0.25 13.64
CA LEU H 80 40.33 -0.37 13.86
C LEU H 80 40.84 0.82 14.67
N HIS H 81 41.50 0.53 15.79
CA HIS H 81 42.27 1.52 16.55
C HIS H 81 41.44 2.75 16.87
N LYS H 82 40.26 2.53 17.43
CA LYS H 82 39.33 3.61 17.74
C LYS H 82 39.45 3.99 19.21
N THR H 83 39.44 5.30 19.46
CA THR H 83 39.55 5.80 20.83
C THR H 83 38.20 5.72 21.52
N VAL H 84 38.19 5.23 22.75
CA VAL H 84 36.96 5.04 23.51
C VAL H 84 36.68 6.35 24.25
N PRO H 85 35.50 6.94 24.10
CA PRO H 85 35.25 8.27 24.68
C PRO H 85 34.61 8.27 26.06
N VAL H 86 34.29 7.11 26.62
CA VAL H 86 33.65 7.01 27.92
C VAL H 86 34.20 5.80 28.65
N ASP H 87 33.89 5.70 29.94
CA ASP H 87 34.36 4.63 30.80
C ASP H 87 33.22 3.66 31.08
N GLY H 88 33.51 2.38 30.99
CA GLY H 88 32.51 1.36 31.22
C GLY H 88 32.94 0.03 30.64
N GLU H 89 32.20 -1.01 31.03
CA GLU H 89 32.46 -2.33 30.47
C GLU H 89 31.95 -2.41 29.04
N LEU H 90 32.76 -3.02 28.17
CA LEU H 90 32.35 -3.23 26.79
C LEU H 90 31.28 -4.32 26.75
N ILE H 91 30.08 -3.94 26.31
CA ILE H 91 29.01 -4.88 26.01
C ILE H 91 28.80 -4.87 24.50
N LEU H 92 28.75 -6.06 23.90
CA LEU H 92 28.51 -6.20 22.47
C LEU H 92 27.06 -6.60 22.25
N LEU H 93 26.34 -5.79 21.49
CA LEU H 93 24.89 -5.89 21.35
C LEU H 93 24.51 -6.00 19.88
N PHE H 94 23.66 -6.98 19.56
CA PHE H 94 22.92 -6.95 18.30
C PHE H 94 21.75 -5.99 18.49
N ASN H 95 21.82 -4.86 17.80
CA ASN H 95 20.96 -3.71 18.11
C ASN H 95 19.57 -3.84 17.48
N ASP H 96 18.85 -4.88 17.92
CA ASP H 96 17.50 -5.10 17.43
C ASP H 96 16.52 -4.18 18.17
N VAL H 97 15.34 -4.01 17.58
CA VAL H 97 14.30 -3.21 18.22
C VAL H 97 14.01 -3.80 19.60
N PRO H 98 13.83 -2.98 20.64
CA PRO H 98 13.49 -3.54 21.96
C PRO H 98 12.23 -4.41 21.89
N GLY H 99 12.29 -5.55 22.57
CA GLY H 99 11.19 -6.50 22.53
C GLY H 99 11.09 -7.30 21.25
N THR H 100 12.05 -7.14 20.34
CA THR H 100 12.05 -7.80 19.03
C THR H 100 13.13 -8.87 18.95
N PHE H 101 13.55 -9.40 20.10
CA PHE H 101 14.66 -10.35 20.15
C PHE H 101 14.21 -11.80 20.18
N GLY H 102 12.92 -12.07 20.39
CA GLY H 102 12.48 -13.44 20.54
C GLY H 102 12.48 -14.22 19.24
N ASP H 103 12.33 -13.54 18.12
CA ASP H 103 12.40 -14.19 16.80
C ASP H 103 13.80 -14.13 16.21
N ASN H 104 14.82 -13.83 17.02
CA ASN H 104 16.19 -13.77 16.59
C ASN H 104 16.90 -15.08 16.90
N SER H 105 17.91 -15.39 16.09
CA SER H 105 18.66 -16.63 16.29
C SER H 105 20.03 -16.50 15.63
N GLY H 106 20.88 -17.49 15.87
CA GLY H 106 22.25 -17.45 15.41
C GLY H 106 23.08 -16.47 16.24
N GLU H 107 24.35 -16.38 15.90
CA GLU H 107 25.26 -15.52 16.64
C GLU H 107 26.46 -15.15 15.79
N PHE H 108 27.03 -13.98 16.08
CA PHE H 108 28.24 -13.50 15.45
C PHE H 108 29.47 -13.97 16.21
N GLN H 109 30.55 -14.22 15.47
CA GLN H 109 31.86 -14.49 16.06
C GLN H 109 32.68 -13.21 16.04
N VAL H 110 33.09 -12.74 17.21
CA VAL H 110 33.67 -11.41 17.35
C VAL H 110 34.98 -11.50 18.12
N GLU H 111 35.95 -10.69 17.70
CA GLU H 111 37.24 -10.56 18.39
C GLU H 111 37.43 -9.09 18.77
N VAL H 112 37.85 -8.85 20.01
CA VAL H 112 38.16 -7.50 20.48
C VAL H 112 39.61 -7.48 20.95
N ILE H 113 40.36 -6.48 20.48
CA ILE H 113 41.71 -6.23 20.95
C ILE H 113 41.76 -4.83 21.54
N ILE H 114 42.29 -4.72 22.76
CA ILE H 114 42.59 -3.43 23.37
C ILE H 114 43.96 -3.04 22.84
N GLU H 115 44.00 -2.11 21.89
CA GLU H 115 45.25 -1.75 21.25
C GLU H 115 46.17 -1.00 22.23
N SER H 116 45.59 -0.18 23.11
CA SER H 116 46.39 0.59 24.05
C SER H 116 45.54 1.06 25.21
N ARG H 117 46.15 1.13 26.38
CA ARG H 117 45.55 1.74 27.56
C ARG H 117 46.04 3.17 27.70
N TYR H 118 45.12 4.07 28.03
CA TYR H 118 45.42 5.50 27.98
C TYR H 118 46.61 5.86 28.85
N SER H 119 47.61 6.46 28.22
CA SER H 119 48.74 7.07 28.93
C SER H 119 49.29 8.21 28.07
N PRO H 120 49.15 9.47 28.49
CA PRO H 120 49.62 10.57 27.64
C PRO H 120 51.10 10.86 27.81
N LEU H 121 51.68 11.43 26.75
CA LEU H 121 52.98 12.08 26.90
C LEU H 121 52.88 13.12 27.99
N LYS H 122 53.94 13.23 28.79
CA LYS H 122 53.94 14.13 29.95
C LYS H 122 55.24 14.92 30.05
#